data_3WHC
#
_entry.id   3WHC
#
_cell.length_a   70.305
_cell.length_b   88.762
_cell.length_c   199.952
_cell.angle_alpha   90.000
_cell.angle_beta   90.000
_cell.angle_gamma   90.000
#
_symmetry.space_group_name_H-M   'P 21 21 21'
#
loop_
_entity.id
_entity.type
_entity.pdbx_description
1 polymer 'Fatty acid metabolism regulator protein'
2 non-polymer 'STEAROYL-COENZYME A'
3 water water
#
_entity_poly.entity_id   1
_entity_poly.type   'polypeptide(L)'
_entity_poly.pdbx_seq_one_letter_code
;MKQKRPKYMQIIDAAVEVIAENGYHQSQVSKIAKQAGVADGTIYLYFKNKEDILISLFKEKMGQFIERMEEDIKEKATAK
EKLALVISKHFSLLAGDHNLAIVTQLELRQSNLELRQKINEILKGYLNILDGILTEGIQSGEIKEGLDVRLARQMIFGTI
DETVTTWVMNDQKYDLVALSNSVLELLVSGIHNK
;
_entity_poly.pdbx_strand_id   A,B,C,D,E,F
#
# COMPACT_ATOMS: atom_id res chain seq x y z
N LYS A 4 56.73 -34.05 2.28
CA LYS A 4 56.43 -33.17 1.11
C LYS A 4 55.08 -32.49 1.27
N ARG A 5 55.07 -31.16 1.18
CA ARG A 5 53.85 -30.37 1.33
C ARG A 5 52.76 -30.67 0.28
N PRO A 6 53.13 -30.91 -1.00
CA PRO A 6 52.08 -31.24 -1.99
C PRO A 6 51.19 -32.42 -1.58
N LYS A 7 51.81 -33.47 -1.02
CA LYS A 7 51.07 -34.63 -0.49
C LYS A 7 50.23 -34.26 0.74
N TYR A 8 50.80 -33.41 1.59
CA TYR A 8 50.13 -32.91 2.79
C TYR A 8 48.83 -32.19 2.40
N MET A 9 48.92 -31.27 1.45
CA MET A 9 47.77 -30.48 0.99
C MET A 9 46.76 -31.30 0.18
N GLN A 10 47.25 -32.35 -0.48
CA GLN A 10 46.40 -33.29 -1.21
C GLN A 10 45.46 -34.00 -0.24
N ILE A 11 45.99 -34.40 0.92
CA ILE A 11 45.19 -35.00 1.98
C ILE A 11 44.18 -33.99 2.53
N ILE A 12 44.65 -32.76 2.76
CA ILE A 12 43.80 -31.66 3.21
C ILE A 12 42.59 -31.49 2.30
N ASP A 13 42.84 -31.39 1.00
CA ASP A 13 41.79 -31.19 0.00
C ASP A 13 40.85 -32.38 -0.13
N ALA A 14 41.38 -33.58 0.07
CA ALA A 14 40.58 -34.79 0.08
C ALA A 14 39.67 -34.84 1.30
N ALA A 15 40.19 -34.36 2.43
CA ALA A 15 39.45 -34.34 3.69
C ALA A 15 38.25 -33.39 3.65
N VAL A 16 38.45 -32.22 3.01
CA VAL A 16 37.38 -31.25 2.82
C VAL A 16 36.17 -31.91 2.15
N GLU A 17 36.43 -32.63 1.07
CA GLU A 17 35.38 -33.33 0.32
C GLU A 17 34.72 -34.43 1.16
N VAL A 18 35.53 -35.23 1.84
CA VAL A 18 35.04 -36.33 2.68
C VAL A 18 34.17 -35.83 3.83
N ILE A 19 34.66 -34.84 4.57
CA ILE A 19 33.93 -34.28 5.72
C ILE A 19 32.62 -33.61 5.29
N ALA A 20 32.64 -32.95 4.13
CA ALA A 20 31.44 -32.33 3.59
C ALA A 20 30.40 -33.36 3.13
N GLU A 21 30.86 -34.41 2.47
CA GLU A 21 29.98 -35.43 1.90
C GLU A 21 29.50 -36.46 2.93
N ASN A 22 30.31 -36.70 3.96
CA ASN A 22 30.04 -37.75 4.94
C ASN A 22 29.60 -37.23 6.31
N GLY A 23 30.13 -36.07 6.69
CA GLY A 23 30.00 -35.59 8.07
C GLY A 23 31.24 -35.97 8.86
N TYR A 24 31.63 -35.12 9.81
CA TYR A 24 32.85 -35.31 10.58
C TYR A 24 32.90 -36.62 11.35
N HIS A 25 31.77 -37.03 11.94
CA HIS A 25 31.67 -38.28 12.68
C HIS A 25 32.00 -39.51 11.82
N GLN A 26 31.55 -39.47 10.56
CA GLN A 26 31.75 -40.57 9.63
C GLN A 26 32.90 -40.27 8.65
N SER A 27 33.87 -39.47 9.10
CA SER A 27 35.01 -39.09 8.27
C SER A 27 36.29 -39.78 8.73
N GLN A 28 36.26 -41.12 8.71
CA GLN A 28 37.41 -41.93 9.13
C GLN A 28 38.62 -41.74 8.22
N VAL A 29 39.81 -41.91 8.79
CA VAL A 29 41.08 -41.77 8.08
C VAL A 29 41.11 -42.60 6.79
N SER A 30 40.62 -43.83 6.86
CA SER A 30 40.56 -44.75 5.72
C SER A 30 39.73 -44.19 4.56
N LYS A 31 38.63 -43.49 4.87
CA LYS A 31 37.80 -42.83 3.87
C LYS A 31 38.55 -41.67 3.20
N ILE A 32 39.27 -40.89 3.99
CA ILE A 32 40.08 -39.78 3.49
C ILE A 32 41.21 -40.32 2.61
N ALA A 33 41.82 -41.42 3.04
CA ALA A 33 42.84 -42.11 2.27
C ALA A 33 42.33 -42.55 0.90
N LYS A 34 41.13 -43.16 0.88
CA LYS A 34 40.50 -43.65 -0.34
C LYS A 34 40.17 -42.50 -1.30
N GLN A 35 39.75 -41.36 -0.75
CA GLN A 35 39.43 -40.18 -1.54
C GLN A 35 40.67 -39.59 -2.19
N ALA A 36 41.75 -39.45 -1.41
CA ALA A 36 43.03 -38.93 -1.89
C ALA A 36 43.73 -39.92 -2.82
N GLY A 37 43.38 -41.19 -2.70
CA GLY A 37 44.01 -42.25 -3.48
C GLY A 37 45.35 -42.65 -2.93
N VAL A 38 45.49 -42.60 -1.61
CA VAL A 38 46.71 -43.01 -0.92
C VAL A 38 46.38 -44.05 0.16
N ALA A 39 47.39 -44.80 0.59
CA ALA A 39 47.22 -45.78 1.67
C ALA A 39 47.01 -45.10 3.02
N ASP A 40 46.37 -45.81 3.95
CA ASP A 40 46.14 -45.31 5.31
C ASP A 40 47.45 -44.86 5.97
N GLY A 41 48.51 -45.64 5.76
CA GLY A 41 49.84 -45.34 6.31
C GLY A 41 50.38 -43.99 5.87
N THR A 42 50.16 -43.65 4.60
CA THR A 42 50.59 -42.36 4.03
C THR A 42 49.96 -41.19 4.81
N ILE A 43 48.67 -41.30 5.11
CA ILE A 43 47.98 -40.29 5.94
C ILE A 43 48.69 -40.14 7.29
N TYR A 44 48.97 -41.26 7.94
CA TYR A 44 49.58 -41.26 9.28
C TYR A 44 51.04 -40.79 9.31
N LEU A 45 51.65 -40.64 8.14
CA LEU A 45 52.97 -40.03 8.03
C LEU A 45 52.86 -38.51 8.13
N TYR A 46 51.68 -37.97 7.88
CA TYR A 46 51.45 -36.53 7.90
C TYR A 46 50.58 -36.07 9.07
N PHE A 47 49.64 -36.91 9.50
CA PHE A 47 48.69 -36.55 10.54
C PHE A 47 48.56 -37.60 11.63
N LYS A 48 48.21 -37.15 12.83
CA LYS A 48 48.02 -38.03 13.97
C LYS A 48 46.69 -38.80 13.88
N ASN A 49 45.63 -38.08 13.55
CA ASN A 49 44.29 -38.66 13.43
C ASN A 49 43.29 -37.76 12.70
N LYS A 50 42.01 -38.10 12.81
CA LYS A 50 40.90 -37.37 12.19
C LYS A 50 40.81 -35.92 12.70
N GLU A 51 41.05 -35.73 13.99
CA GLU A 51 40.99 -34.41 14.61
C GLU A 51 42.13 -33.51 14.15
N ASP A 52 43.31 -34.10 13.98
CA ASP A 52 44.49 -33.38 13.46
C ASP A 52 44.19 -32.84 12.07
N ILE A 53 43.62 -33.69 11.22
CA ILE A 53 43.24 -33.31 9.85
C ILE A 53 42.23 -32.16 9.81
N LEU A 54 41.22 -32.19 10.69
CA LEU A 54 40.20 -31.14 10.73
C LEU A 54 40.75 -29.77 11.12
N ILE A 55 41.57 -29.75 12.17
CA ILE A 55 42.21 -28.52 12.66
C ILE A 55 43.18 -27.95 11.62
N SER A 56 44.06 -28.80 11.10
CA SER A 56 45.03 -28.41 10.06
C SER A 56 44.32 -27.92 8.79
N LEU A 57 43.26 -28.63 8.41
CA LEU A 57 42.37 -28.23 7.32
C LEU A 57 41.92 -26.78 7.50
N PHE A 58 41.43 -26.45 8.69
CA PHE A 58 40.95 -25.11 8.98
C PHE A 58 42.09 -24.10 9.04
N LYS A 59 43.20 -24.50 9.67
CA LYS A 59 44.39 -23.64 9.75
C LYS A 59 44.90 -23.26 8.36
N GLU A 60 45.04 -24.24 7.48
CA GLU A 60 45.55 -24.04 6.12
C GLU A 60 44.70 -23.10 5.28
N LYS A 61 43.40 -23.36 5.25
CA LYS A 61 42.49 -22.59 4.39
C LYS A 61 42.21 -21.18 4.94
N MET A 62 42.09 -21.07 6.25
CA MET A 62 41.95 -19.76 6.90
C MET A 62 43.20 -18.91 6.70
N GLY A 63 44.37 -19.54 6.89
CA GLY A 63 45.65 -18.87 6.67
C GLY A 63 45.76 -18.26 5.29
N GLN A 64 45.38 -19.04 4.28
CA GLN A 64 45.40 -18.61 2.88
C GLN A 64 44.38 -17.50 2.62
N PHE A 65 43.22 -17.60 3.25
CA PHE A 65 42.16 -16.59 3.17
C PHE A 65 42.63 -15.26 3.76
N ILE A 66 43.20 -15.31 4.97
CA ILE A 66 43.75 -14.13 5.65
C ILE A 66 44.84 -13.46 4.82
N GLU A 67 45.80 -14.25 4.33
CA GLU A 67 46.91 -13.71 3.54
C GLU A 67 46.41 -12.97 2.29
N ARG A 68 45.50 -13.60 1.56
CA ARG A 68 44.88 -13.01 0.38
C ARG A 68 44.08 -11.74 0.74
N MET A 69 43.40 -11.79 1.88
CA MET A 69 42.62 -10.66 2.38
C MET A 69 43.50 -9.47 2.74
N GLU A 70 44.54 -9.73 3.55
CA GLU A 70 45.51 -8.70 3.93
C GLU A 70 46.11 -8.03 2.69
N GLU A 71 46.37 -8.84 1.67
CA GLU A 71 46.90 -8.40 0.39
C GLU A 71 45.92 -7.48 -0.34
N ASP A 72 44.67 -7.92 -0.46
CA ASP A 72 43.63 -7.20 -1.22
C ASP A 72 43.17 -5.87 -0.62
N ILE A 73 42.97 -5.84 0.70
CA ILE A 73 42.43 -4.63 1.36
C ILE A 73 43.42 -3.46 1.42
N LYS A 74 44.68 -3.74 1.12
CA LYS A 74 45.71 -2.71 0.96
C LYS A 74 45.36 -1.73 -0.17
N GLU A 75 44.64 -2.24 -1.16
CA GLU A 75 44.24 -1.46 -2.34
C GLU A 75 43.00 -0.60 -2.09
N LYS A 76 42.31 -0.85 -0.97
CA LYS A 76 41.11 -0.12 -0.59
C LYS A 76 41.43 1.02 0.37
N ALA A 77 40.72 2.14 0.23
CA ALA A 77 41.03 3.35 1.00
C ALA A 77 40.27 3.45 2.32
N THR A 78 38.94 3.40 2.25
CA THR A 78 38.09 3.60 3.43
C THR A 78 37.77 2.27 4.13
N ALA A 79 37.35 2.37 5.40
CA ALA A 79 36.93 1.21 6.18
C ALA A 79 35.69 0.53 5.59
N LYS A 80 34.80 1.34 5.01
CA LYS A 80 33.62 0.83 4.31
C LYS A 80 34.02 -0.04 3.12
N GLU A 81 34.96 0.44 2.31
CA GLU A 81 35.46 -0.31 1.16
C GLU A 81 36.22 -1.57 1.58
N LYS A 82 36.96 -1.48 2.68
CA LYS A 82 37.68 -2.62 3.23
C LYS A 82 36.72 -3.70 3.72
N LEU A 83 35.64 -3.28 4.37
CA LEU A 83 34.60 -4.19 4.86
C LEU A 83 33.82 -4.79 3.68
N ALA A 84 33.51 -3.96 2.69
CA ALA A 84 32.86 -4.39 1.46
C ALA A 84 33.61 -5.55 0.82
N LEU A 85 34.95 -5.44 0.81
CA LEU A 85 35.80 -6.46 0.24
C LEU A 85 35.82 -7.73 1.09
N VAL A 86 35.88 -7.57 2.41
CA VAL A 86 35.83 -8.70 3.34
C VAL A 86 34.57 -9.53 3.13
N ILE A 87 33.43 -8.84 3.01
CA ILE A 87 32.12 -9.49 2.83
C ILE A 87 32.02 -10.22 1.50
N SER A 88 32.43 -9.54 0.42
CA SER A 88 32.36 -10.14 -0.92
C SER A 88 33.29 -11.33 -1.10
N LYS A 89 34.47 -11.28 -0.49
CA LYS A 89 35.43 -12.38 -0.56
C LYS A 89 35.01 -13.57 0.30
N HIS A 90 34.46 -13.29 1.47
CA HIS A 90 33.91 -14.32 2.36
C HIS A 90 32.82 -15.10 1.63
N PHE A 91 31.83 -14.36 1.11
CA PHE A 91 30.73 -14.97 0.36
C PHE A 91 31.22 -15.72 -0.87
N SER A 92 32.16 -15.13 -1.62
CA SER A 92 32.64 -15.72 -2.87
C SER A 92 33.38 -17.04 -2.68
N LEU A 93 34.20 -17.12 -1.63
CA LEU A 93 34.93 -18.34 -1.34
C LEU A 93 33.98 -19.49 -1.04
N LEU A 94 32.97 -19.22 -0.22
CA LEU A 94 32.05 -20.27 0.20
C LEU A 94 31.03 -20.61 -0.87
N ALA A 95 30.68 -19.63 -1.70
CA ALA A 95 29.78 -19.85 -2.83
C ALA A 95 30.48 -20.56 -3.99
N GLY A 96 31.80 -20.42 -4.07
CA GLY A 96 32.59 -21.03 -5.13
C GLY A 96 32.82 -22.52 -4.94
N ASP A 97 32.73 -22.97 -3.69
CA ASP A 97 32.88 -24.38 -3.34
C ASP A 97 31.96 -24.70 -2.16
N HIS A 98 30.83 -25.32 -2.47
CA HIS A 98 29.81 -25.64 -1.44
C HIS A 98 30.32 -26.59 -0.36
N ASN A 99 31.29 -27.44 -0.71
CA ASN A 99 31.96 -28.31 0.26
C ASN A 99 32.59 -27.51 1.40
N LEU A 100 33.28 -26.41 1.04
CA LEU A 100 33.85 -25.48 2.00
C LEU A 100 32.80 -24.91 2.96
N ALA A 101 31.68 -24.45 2.41
CA ALA A 101 30.58 -23.89 3.18
C ALA A 101 29.97 -24.88 4.17
N ILE A 102 29.85 -26.14 3.75
CA ILE A 102 29.36 -27.21 4.63
C ILE A 102 30.28 -27.42 5.82
N VAL A 103 31.59 -27.42 5.55
CA VAL A 103 32.60 -27.57 6.60
C VAL A 103 32.56 -26.38 7.58
N THR A 104 32.52 -25.16 7.05
CA THR A 104 32.56 -23.96 7.90
C THR A 104 31.27 -23.72 8.72
N GLN A 105 30.11 -23.94 8.10
CA GLN A 105 28.82 -23.62 8.74
C GLN A 105 28.26 -24.76 9.60
N LEU A 106 28.66 -25.99 9.29
CA LEU A 106 28.11 -27.16 9.99
C LEU A 106 29.18 -28.01 10.66
N GLU A 107 30.15 -28.48 9.88
CA GLU A 107 31.10 -29.50 10.34
C GLU A 107 32.14 -29.02 11.35
N LEU A 108 32.51 -27.75 11.28
CA LEU A 108 33.49 -27.17 12.21
C LEU A 108 32.86 -26.68 13.51
N ARG A 109 31.53 -26.78 13.60
CA ARG A 109 30.79 -26.33 14.77
C ARG A 109 30.75 -27.43 15.83
N GLN A 110 31.92 -27.71 16.40
CA GLN A 110 32.08 -28.82 17.32
C GLN A 110 31.69 -28.46 18.76
N SER A 111 30.94 -29.35 19.40
CA SER A 111 30.47 -29.15 20.76
C SER A 111 31.57 -29.35 21.79
N ASN A 112 32.52 -30.23 21.48
CA ASN A 112 33.65 -30.50 22.37
C ASN A 112 34.47 -29.23 22.61
N LEU A 113 34.45 -28.75 23.85
CA LEU A 113 35.04 -27.47 24.21
C LEU A 113 36.52 -27.36 23.85
N GLU A 114 37.28 -28.43 24.08
CA GLU A 114 38.72 -28.47 23.80
C GLU A 114 39.04 -28.34 22.31
N LEU A 115 38.29 -29.05 21.48
CA LEU A 115 38.42 -28.98 20.03
C LEU A 115 37.97 -27.61 19.52
N ARG A 116 36.84 -27.13 20.03
CA ARG A 116 36.29 -25.83 19.66
C ARG A 116 37.27 -24.69 19.98
N GLN A 117 37.93 -24.77 21.13
CA GLN A 117 38.92 -23.78 21.53
C GLN A 117 40.08 -23.69 20.53
N LYS A 118 40.50 -24.84 20.02
CA LYS A 118 41.55 -24.93 19.00
C LYS A 118 41.09 -24.34 17.66
N ILE A 119 39.81 -24.56 17.34
CA ILE A 119 39.20 -24.01 16.13
C ILE A 119 39.08 -22.49 16.23
N ASN A 120 38.59 -22.00 17.37
CA ASN A 120 38.42 -20.57 17.63
C ASN A 120 39.74 -19.81 17.64
N GLU A 121 40.82 -20.50 18.03
CA GLU A 121 42.17 -19.95 17.99
C GLU A 121 42.57 -19.53 16.57
N ILE A 122 42.21 -20.36 15.58
CA ILE A 122 42.47 -20.08 14.17
C ILE A 122 41.55 -18.97 13.66
N LEU A 123 40.39 -18.83 14.29
CA LEU A 123 39.42 -17.79 13.95
C LEU A 123 39.90 -16.38 14.30
N LYS A 124 40.81 -16.29 15.27
CA LYS A 124 41.38 -15.01 15.73
C LYS A 124 41.91 -14.15 14.58
N GLY A 125 42.71 -14.77 13.70
CA GLY A 125 43.34 -14.08 12.57
C GLY A 125 42.36 -13.38 11.63
N TYR A 126 41.19 -13.98 11.46
CA TYR A 126 40.10 -13.40 10.66
C TYR A 126 39.51 -12.19 11.39
N LEU A 127 39.19 -12.38 12.68
CA LEU A 127 38.59 -11.34 13.51
C LEU A 127 39.51 -10.14 13.74
N ASN A 128 40.82 -10.40 13.71
CA ASN A 128 41.82 -9.32 13.85
C ASN A 128 41.86 -8.38 12.65
N ILE A 129 41.52 -8.89 11.47
CA ILE A 129 41.39 -8.05 10.27
C ILE A 129 40.23 -7.08 10.45
N LEU A 130 39.12 -7.59 10.97
CA LEU A 130 37.96 -6.76 11.30
C LEU A 130 38.31 -5.72 12.36
N ASP A 131 39.12 -6.12 13.35
CA ASP A 131 39.63 -5.22 14.37
C ASP A 131 40.49 -4.11 13.76
N GLY A 132 41.37 -4.50 12.83
CA GLY A 132 42.23 -3.55 12.13
C GLY A 132 41.45 -2.51 11.36
N ILE A 133 40.44 -2.97 10.61
CA ILE A 133 39.56 -2.10 9.83
C ILE A 133 38.84 -1.08 10.73
N LEU A 134 38.33 -1.56 11.87
CA LEU A 134 37.56 -0.72 12.79
C LEU A 134 38.43 0.30 13.53
N THR A 135 39.54 -0.16 14.09
CA THR A 135 40.45 0.71 14.84
C THR A 135 41.07 1.80 13.97
N GLU A 136 41.37 1.46 12.72
CA GLU A 136 41.84 2.43 11.73
C GLU A 136 40.72 3.41 11.36
N GLY A 137 39.49 2.90 11.29
CA GLY A 137 38.32 3.70 10.99
C GLY A 137 38.01 4.75 12.04
N ILE A 138 38.25 4.40 13.30
CA ILE A 138 38.10 5.33 14.42
C ILE A 138 39.19 6.41 14.36
N GLN A 139 40.42 5.99 14.08
CA GLN A 139 41.56 6.89 13.97
C GLN A 139 41.55 7.65 12.64
N SER A 140 40.45 7.53 11.90
CA SER A 140 40.30 8.18 10.59
C SER A 140 39.16 9.21 10.60
N GLY A 141 38.18 9.02 11.47
CA GLY A 141 37.01 9.88 11.53
C GLY A 141 35.84 9.36 10.73
N GLU A 142 36.07 8.29 9.99
CA GLU A 142 35.01 7.62 9.21
C GLU A 142 34.03 6.92 10.15
N ILE A 143 34.58 6.20 11.12
CA ILE A 143 33.79 5.60 12.20
C ILE A 143 33.85 6.53 13.41
N LYS A 144 32.68 6.84 13.97
CA LYS A 144 32.59 7.76 15.12
C LYS A 144 33.23 7.16 16.37
N GLU A 145 33.74 8.04 17.22
CA GLU A 145 34.43 7.65 18.45
C GLU A 145 33.51 6.90 19.42
N GLY A 146 34.11 6.19 20.37
CA GLY A 146 33.37 5.49 21.40
C GLY A 146 32.75 4.17 20.98
N LEU A 147 33.06 3.74 19.75
CA LEU A 147 32.58 2.46 19.26
C LEU A 147 33.29 1.31 19.97
N ASP A 148 32.49 0.41 20.56
CA ASP A 148 33.03 -0.80 21.17
C ASP A 148 33.50 -1.74 20.05
N VAL A 149 34.82 -1.80 19.87
CA VAL A 149 35.44 -2.57 18.79
C VAL A 149 35.08 -4.06 18.84
N ARG A 150 35.16 -4.65 20.03
CA ARG A 150 34.83 -6.07 20.23
C ARG A 150 33.40 -6.39 19.79
N LEU A 151 32.45 -5.61 20.29
CA LEU A 151 31.03 -5.81 19.95
C LEU A 151 30.73 -5.56 18.47
N ALA A 152 31.41 -4.57 17.89
CA ALA A 152 31.27 -4.27 16.46
C ALA A 152 31.80 -5.43 15.60
N ARG A 153 32.95 -5.97 16.00
CA ARG A 153 33.54 -7.16 15.40
C ARG A 153 32.59 -8.37 15.49
N GLN A 154 32.02 -8.57 16.67
CA GLN A 154 31.05 -9.65 16.91
C GLN A 154 29.79 -9.47 16.07
N MET A 155 29.37 -8.21 15.90
CA MET A 155 28.24 -7.87 15.03
C MET A 155 28.54 -8.22 13.57
N ILE A 156 29.68 -7.77 13.07
CA ILE A 156 30.08 -8.00 11.67
C ILE A 156 30.17 -9.50 11.36
N PHE A 157 31.01 -10.22 12.10
CA PHE A 157 31.19 -11.65 11.88
C PHE A 157 29.88 -12.42 12.05
N GLY A 158 29.14 -12.12 13.12
CA GLY A 158 27.85 -12.75 13.39
C GLY A 158 26.85 -12.59 12.26
N THR A 159 26.80 -11.38 11.68
CA THR A 159 25.91 -11.07 10.56
C THR A 159 26.31 -11.82 9.30
N ILE A 160 27.59 -11.72 8.92
CA ILE A 160 28.12 -12.44 7.77
C ILE A 160 27.90 -13.95 7.93
N ASP A 161 28.23 -14.47 9.11
CA ASP A 161 28.15 -15.89 9.41
C ASP A 161 26.72 -16.44 9.32
N GLU A 162 25.77 -15.69 9.88
CA GLU A 162 24.37 -16.12 9.90
C GLU A 162 23.74 -16.08 8.51
N THR A 163 24.16 -15.11 7.70
CA THR A 163 23.74 -15.00 6.30
C THR A 163 24.18 -16.23 5.50
N VAL A 164 25.40 -16.70 5.74
CA VAL A 164 25.90 -17.91 5.08
C VAL A 164 25.16 -19.15 5.57
N THR A 165 25.02 -19.30 6.88
CA THR A 165 24.33 -20.48 7.46
C THR A 165 22.91 -20.61 6.91
N THR A 166 22.18 -19.50 6.84
CA THR A 166 20.82 -19.48 6.29
C THR A 166 20.83 -19.95 4.84
N TRP A 167 21.83 -19.49 4.09
CA TRP A 167 22.04 -19.87 2.69
C TRP A 167 22.34 -21.36 2.55
N VAL A 168 23.21 -21.89 3.41
CA VAL A 168 23.50 -23.34 3.43
C VAL A 168 22.27 -24.15 3.81
N MET A 169 21.54 -23.70 4.82
CA MET A 169 20.32 -24.40 5.27
C MET A 169 19.19 -24.35 4.24
N ASN A 170 19.22 -23.33 3.37
CA ASN A 170 18.30 -23.26 2.24
C ASN A 170 18.88 -23.88 0.97
N ASP A 171 19.83 -24.79 1.15
CA ASP A 171 20.45 -25.55 0.06
C ASP A 171 21.08 -24.67 -1.03
N GLN A 172 21.65 -23.53 -0.61
CA GLN A 172 22.35 -22.61 -1.52
C GLN A 172 21.46 -22.01 -2.62
N LYS A 173 20.14 -22.10 -2.43
CA LYS A 173 19.16 -21.74 -3.46
C LYS A 173 18.96 -20.24 -3.64
N TYR A 174 20.05 -19.49 -3.59
CA TYR A 174 20.08 -18.08 -4.00
C TYR A 174 21.51 -17.53 -4.09
N ASP A 175 21.65 -16.40 -4.78
CA ASP A 175 22.94 -15.79 -5.08
C ASP A 175 23.51 -15.09 -3.84
N LEU A 176 24.39 -15.79 -3.13
CA LEU A 176 24.99 -15.28 -1.88
C LEU A 176 25.88 -14.04 -2.10
N VAL A 177 26.72 -14.08 -3.13
CA VAL A 177 27.63 -12.97 -3.46
C VAL A 177 26.86 -11.68 -3.79
N ALA A 178 25.69 -11.85 -4.40
CA ALA A 178 24.83 -10.72 -4.76
C ALA A 178 24.25 -9.98 -3.54
N LEU A 179 24.36 -10.60 -2.36
CA LEU A 179 23.87 -9.98 -1.12
C LEU A 179 24.93 -9.12 -0.44
N SER A 180 26.15 -9.13 -0.97
CA SER A 180 27.31 -8.46 -0.34
C SER A 180 27.04 -7.00 0.03
N ASN A 181 26.55 -6.22 -0.93
CA ASN A 181 26.29 -4.80 -0.70
C ASN A 181 25.15 -4.53 0.28
N SER A 182 24.10 -5.33 0.23
CA SER A 182 22.98 -5.21 1.16
C SER A 182 23.41 -5.47 2.61
N VAL A 183 24.22 -6.51 2.79
CA VAL A 183 24.77 -6.84 4.12
C VAL A 183 25.69 -5.71 4.59
N LEU A 184 26.53 -5.21 3.68
CA LEU A 184 27.42 -4.08 3.97
C LEU A 184 26.65 -2.87 4.51
N GLU A 185 25.62 -2.44 3.77
CA GLU A 185 24.85 -1.25 4.14
C GLU A 185 24.14 -1.40 5.49
N LEU A 186 23.66 -2.60 5.77
CA LEU A 186 23.03 -2.93 7.05
C LEU A 186 24.02 -2.80 8.21
N LEU A 187 25.22 -3.32 8.04
CA LEU A 187 26.28 -3.22 9.04
C LEU A 187 26.78 -1.78 9.21
N VAL A 188 26.84 -1.05 8.11
CA VAL A 188 27.34 0.33 8.10
C VAL A 188 26.34 1.33 8.67
N SER A 189 25.08 1.23 8.24
CA SER A 189 24.06 2.23 8.58
C SER A 189 22.97 1.76 9.56
N GLY A 190 22.90 0.46 9.82
CA GLY A 190 21.89 -0.09 10.72
C GLY A 190 20.50 -0.14 10.09
N ILE A 191 19.50 -0.44 10.91
CA ILE A 191 18.13 -0.63 10.42
C ILE A 191 17.27 0.64 10.42
N HIS A 192 17.65 1.61 11.25
CA HIS A 192 16.85 2.83 11.42
C HIS A 192 16.95 3.81 10.27
N ASN A 193 15.83 4.47 9.97
CA ASN A 193 15.73 5.43 8.87
C ASN A 193 16.41 6.75 9.19
N PRO B 6 5.73 -31.81 37.74
CA PRO B 6 5.56 -33.24 37.48
C PRO B 6 6.87 -33.92 37.10
N LYS B 7 6.81 -35.23 36.85
CA LYS B 7 7.98 -36.01 36.43
C LYS B 7 8.52 -35.53 35.09
N TYR B 8 7.64 -35.03 34.23
CA TYR B 8 8.01 -34.55 32.90
C TYR B 8 9.06 -33.44 32.94
N MET B 9 8.80 -32.40 33.74
CA MET B 9 9.71 -31.27 33.88
C MET B 9 10.99 -31.62 34.63
N GLN B 10 10.89 -32.59 35.54
CA GLN B 10 12.06 -33.10 36.26
C GLN B 10 13.08 -33.70 35.29
N ILE B 11 12.57 -34.43 34.29
CA ILE B 11 13.40 -35.03 33.25
C ILE B 11 13.97 -33.96 32.33
N ILE B 12 13.12 -33.02 31.90
CA ILE B 12 13.53 -31.87 31.08
C ILE B 12 14.70 -31.11 31.71
N ASP B 13 14.56 -30.78 32.99
CA ASP B 13 15.57 -30.00 33.72
C ASP B 13 16.87 -30.79 33.93
N ALA B 14 16.73 -32.06 34.30
CA ALA B 14 17.89 -32.95 34.44
C ALA B 14 18.62 -33.15 33.11
N ALA B 15 17.86 -33.16 32.01
CA ALA B 15 18.43 -33.27 30.67
C ALA B 15 19.27 -32.05 30.31
N VAL B 16 18.77 -30.87 30.67
CA VAL B 16 19.49 -29.61 30.47
C VAL B 16 20.85 -29.64 31.18
N GLU B 17 20.86 -30.13 32.42
CA GLU B 17 22.10 -30.27 33.19
C GLU B 17 23.06 -31.30 32.61
N VAL B 18 22.54 -32.47 32.23
CA VAL B 18 23.37 -33.56 31.69
C VAL B 18 23.95 -33.23 30.30
N ILE B 19 23.10 -32.72 29.41
CA ILE B 19 23.53 -32.37 28.04
C ILE B 19 24.57 -31.25 28.06
N ALA B 20 24.34 -30.23 28.90
CA ALA B 20 25.28 -29.14 29.07
C ALA B 20 26.65 -29.60 29.58
N GLU B 21 26.64 -30.55 30.52
CA GLU B 21 27.87 -31.02 31.16
C GLU B 21 28.66 -32.00 30.29
N ASN B 22 27.96 -32.91 29.63
CA ASN B 22 28.59 -34.03 28.93
C ASN B 22 28.61 -33.91 27.41
N GLY B 23 27.74 -33.06 26.88
CA GLY B 23 27.52 -33.00 25.44
C GLY B 23 26.32 -33.86 25.09
N TYR B 24 25.64 -33.51 24.01
CA TYR B 24 24.44 -34.23 23.58
C TYR B 24 24.69 -35.69 23.23
N HIS B 25 25.65 -35.93 22.35
CA HIS B 25 25.91 -37.29 21.85
C HIS B 25 26.49 -38.22 22.91
N GLN B 26 27.30 -37.65 23.81
CA GLN B 26 27.92 -38.41 24.89
C GLN B 26 26.94 -38.69 26.03
N SER B 27 25.89 -37.87 26.12
CA SER B 27 24.87 -38.02 27.16
C SER B 27 24.20 -39.38 27.15
N GLN B 28 23.92 -39.89 28.34
CA GLN B 28 23.27 -41.19 28.51
C GLN B 28 21.85 -41.00 29.04
N VAL B 29 20.89 -41.63 28.38
CA VAL B 29 19.48 -41.58 28.81
C VAL B 29 19.33 -42.13 30.24
N SER B 30 20.08 -43.19 30.53
CA SER B 30 20.11 -43.79 31.86
C SER B 30 20.60 -42.80 32.93
N LYS B 31 21.58 -41.99 32.57
CA LYS B 31 22.13 -40.98 33.47
C LYS B 31 21.14 -39.83 33.71
N ILE B 32 20.42 -39.45 32.65
CA ILE B 32 19.38 -38.42 32.75
C ILE B 32 18.27 -38.88 33.69
N ALA B 33 17.91 -40.16 33.60
CA ALA B 33 16.90 -40.76 34.48
C ALA B 33 17.32 -40.72 35.95
N LYS B 34 18.53 -41.20 36.23
CA LYS B 34 19.08 -41.25 37.59
C LYS B 34 19.15 -39.87 38.25
N GLN B 35 19.54 -38.87 37.47
CA GLN B 35 19.61 -37.48 37.96
C GLN B 35 18.23 -36.86 38.12
N ALA B 36 17.28 -37.26 37.27
CA ALA B 36 15.89 -36.85 37.41
C ALA B 36 15.20 -37.52 38.59
N GLY B 37 15.80 -38.61 39.08
CA GLY B 37 15.26 -39.36 40.21
C GLY B 37 14.15 -40.31 39.82
N VAL B 38 14.10 -40.65 38.53
CA VAL B 38 13.10 -41.59 38.02
C VAL B 38 13.75 -42.90 37.54
N ALA B 39 12.97 -43.97 37.50
CA ALA B 39 13.43 -45.26 36.98
C ALA B 39 13.75 -45.17 35.49
N ASP B 40 14.57 -46.11 35.02
CA ASP B 40 14.99 -46.15 33.61
C ASP B 40 13.82 -46.18 32.64
N GLY B 41 12.80 -46.97 32.96
CA GLY B 41 11.61 -47.12 32.12
C GLY B 41 10.67 -45.93 32.15
N THR B 42 10.75 -45.13 33.22
CA THR B 42 9.90 -43.95 33.39
C THR B 42 10.16 -42.87 32.35
N ILE B 43 11.41 -42.72 31.92
CA ILE B 43 11.76 -41.77 30.87
C ILE B 43 11.04 -42.06 29.56
N TYR B 44 10.91 -43.34 29.24
CA TYR B 44 10.27 -43.76 27.98
C TYR B 44 8.75 -43.65 27.98
N LEU B 45 8.17 -43.42 29.15
CA LEU B 45 6.74 -43.09 29.27
C LEU B 45 6.48 -41.67 28.77
N TYR B 46 7.51 -40.82 28.84
CA TYR B 46 7.39 -39.42 28.48
C TYR B 46 8.12 -39.05 27.18
N PHE B 47 9.19 -39.78 26.86
CA PHE B 47 10.00 -39.48 25.68
C PHE B 47 10.33 -40.72 24.87
N LYS B 48 10.29 -40.58 23.55
CA LYS B 48 10.62 -41.65 22.60
C LYS B 48 12.09 -42.08 22.72
N ASN B 49 12.99 -41.09 22.74
CA ASN B 49 14.44 -41.34 22.81
C ASN B 49 15.19 -40.08 23.23
N LYS B 50 16.52 -40.11 23.16
CA LYS B 50 17.36 -38.97 23.50
C LYS B 50 17.09 -37.77 22.59
N GLU B 51 16.87 -38.02 21.30
CA GLU B 51 16.54 -36.97 20.34
C GLU B 51 15.23 -36.27 20.69
N ASP B 52 14.22 -37.05 21.06
CA ASP B 52 12.93 -36.53 21.51
C ASP B 52 13.10 -35.63 22.74
N ILE B 53 13.99 -36.02 23.65
CA ILE B 53 14.33 -35.22 24.83
C ILE B 53 14.92 -33.86 24.43
N LEU B 54 15.94 -33.88 23.56
CA LEU B 54 16.60 -32.66 23.12
C LEU B 54 15.62 -31.69 22.45
N ILE B 55 14.84 -32.21 21.49
CA ILE B 55 13.88 -31.39 20.75
C ILE B 55 12.80 -30.81 21.67
N SER B 56 12.28 -31.64 22.57
CA SER B 56 11.21 -31.24 23.49
C SER B 56 11.65 -30.16 24.48
N LEU B 57 12.86 -30.29 25.02
CA LEU B 57 13.37 -29.27 25.94
C LEU B 57 13.55 -27.92 25.24
N PHE B 58 13.96 -27.95 23.98
CA PHE B 58 14.12 -26.72 23.19
C PHE B 58 12.74 -26.14 22.86
N LYS B 59 11.84 -26.98 22.35
CA LYS B 59 10.48 -26.57 22.01
C LYS B 59 9.77 -25.95 23.21
N GLU B 60 9.90 -26.61 24.36
CA GLU B 60 9.32 -26.14 25.61
C GLU B 60 9.84 -24.77 26.04
N LYS B 61 11.16 -24.65 26.19
CA LYS B 61 11.78 -23.43 26.66
C LYS B 61 11.60 -22.26 25.68
N MET B 62 11.73 -22.54 24.39
CA MET B 62 11.46 -21.55 23.35
C MET B 62 9.99 -21.14 23.36
N GLY B 63 9.11 -22.12 23.53
CA GLY B 63 7.66 -21.87 23.62
C GLY B 63 7.29 -20.94 24.76
N GLN B 64 7.94 -21.13 25.90
CA GLN B 64 7.79 -20.26 27.05
C GLN B 64 8.36 -18.86 26.75
N PHE B 65 9.53 -18.83 26.12
CA PHE B 65 10.20 -17.57 25.81
C PHE B 65 9.42 -16.71 24.82
N ILE B 66 8.86 -17.33 23.79
CA ILE B 66 8.08 -16.64 22.75
C ILE B 66 6.80 -16.00 23.30
N GLU B 67 6.02 -16.78 24.06
CA GLU B 67 4.72 -16.30 24.56
C GLU B 67 4.84 -15.18 25.58
N ARG B 68 5.90 -15.22 26.39
CA ARG B 68 6.26 -14.12 27.29
C ARG B 68 6.66 -12.90 26.47
N MET B 69 7.54 -13.11 25.49
CA MET B 69 8.05 -12.06 24.61
C MET B 69 6.94 -11.37 23.82
N GLU B 70 6.03 -12.16 23.23
CA GLU B 70 4.95 -11.64 22.39
C GLU B 70 4.06 -10.62 23.08
N GLU B 71 3.67 -10.92 24.32
CA GLU B 71 2.82 -10.00 25.09
C GLU B 71 3.60 -8.84 25.70
N ASP B 72 4.88 -9.08 26.01
CA ASP B 72 5.75 -8.05 26.60
C ASP B 72 6.06 -6.91 25.63
N ILE B 73 6.24 -7.24 24.34
CA ILE B 73 6.59 -6.25 23.33
C ILE B 73 5.40 -5.38 22.89
N LYS B 74 4.19 -5.81 23.24
CA LYS B 74 2.97 -5.03 22.99
C LYS B 74 2.98 -3.69 23.74
N GLU B 75 3.53 -3.71 24.96
CA GLU B 75 3.66 -2.51 25.80
C GLU B 75 4.58 -1.46 25.18
N LYS B 76 5.48 -1.89 24.31
CA LYS B 76 6.46 -1.01 23.67
C LYS B 76 5.97 -0.53 22.31
N ALA B 77 6.05 0.79 22.09
CA ALA B 77 5.50 1.41 20.90
C ALA B 77 6.40 1.29 19.67
N THR B 78 7.65 1.74 19.78
CA THR B 78 8.57 1.81 18.64
C THR B 78 9.30 0.50 18.39
N ALA B 79 9.78 0.32 17.17
CA ALA B 79 10.58 -0.84 16.78
C ALA B 79 11.87 -0.94 17.59
N LYS B 80 12.46 0.22 17.90
CA LYS B 80 13.68 0.30 18.71
C LYS B 80 13.44 -0.24 20.13
N GLU B 81 12.31 0.15 20.72
CA GLU B 81 11.92 -0.29 22.06
C GLU B 81 11.61 -1.78 22.10
N LYS B 82 10.93 -2.27 21.05
CA LYS B 82 10.59 -3.68 20.93
C LYS B 82 11.84 -4.53 20.83
N LEU B 83 12.79 -4.07 20.02
CA LEU B 83 14.07 -4.75 19.84
C LEU B 83 14.93 -4.70 21.10
N ALA B 84 14.84 -3.59 21.84
CA ALA B 84 15.55 -3.43 23.11
C ALA B 84 15.16 -4.52 24.10
N LEU B 85 13.86 -4.79 24.19
CA LEU B 85 13.33 -5.80 25.09
C LEU B 85 13.73 -7.21 24.65
N VAL B 86 13.61 -7.47 23.35
CA VAL B 86 14.03 -8.76 22.77
C VAL B 86 15.46 -9.11 23.17
N ILE B 87 16.38 -8.17 22.97
CA ILE B 87 17.80 -8.36 23.28
C ILE B 87 18.04 -8.61 24.78
N SER B 88 17.48 -7.73 25.62
CA SER B 88 17.68 -7.84 27.07
C SER B 88 17.08 -9.12 27.65
N LYS B 89 15.92 -9.53 27.15
CA LYS B 89 15.28 -10.78 27.57
C LYS B 89 16.06 -12.00 27.10
N HIS B 90 16.54 -11.96 25.86
CA HIS B 90 17.40 -13.01 25.31
C HIS B 90 18.64 -13.17 26.19
N PHE B 91 19.33 -12.06 26.42
CA PHE B 91 20.54 -12.05 27.26
C PHE B 91 20.26 -12.46 28.70
N SER B 92 19.11 -12.02 29.23
CA SER B 92 18.74 -12.27 30.62
C SER B 92 18.45 -13.74 30.90
N LEU B 93 17.72 -14.38 30.00
CA LEU B 93 17.36 -15.80 30.15
C LEU B 93 18.61 -16.68 30.22
N LEU B 94 19.55 -16.43 29.32
CA LEU B 94 20.76 -17.24 29.23
C LEU B 94 21.78 -16.90 30.33
N ALA B 95 21.76 -15.67 30.81
CA ALA B 95 22.63 -15.25 31.92
C ALA B 95 22.14 -15.81 33.26
N GLY B 96 20.83 -16.02 33.37
CA GLY B 96 20.21 -16.54 34.59
C GLY B 96 20.51 -18.01 34.86
N ASP B 97 20.78 -18.76 33.79
CA ASP B 97 21.11 -20.17 33.89
C ASP B 97 22.17 -20.52 32.83
N HIS B 98 23.39 -20.77 33.28
CA HIS B 98 24.53 -21.01 32.40
C HIS B 98 24.43 -22.31 31.59
N ASN B 99 23.76 -23.31 32.15
CA ASN B 99 23.50 -24.56 31.43
C ASN B 99 22.69 -24.34 30.15
N LEU B 100 21.76 -23.39 30.19
CA LEU B 100 20.93 -23.06 29.03
C LEU B 100 21.75 -22.53 27.86
N ALA B 101 22.73 -21.69 28.16
CA ALA B 101 23.61 -21.10 27.15
C ALA B 101 24.49 -22.15 26.48
N ILE B 102 24.94 -23.13 27.25
CA ILE B 102 25.75 -24.23 26.72
C ILE B 102 24.92 -25.05 25.71
N VAL B 103 23.67 -25.33 26.07
CA VAL B 103 22.75 -26.04 25.18
C VAL B 103 22.50 -25.23 23.90
N THR B 104 22.14 -23.95 24.04
CA THR B 104 21.79 -23.12 22.87
C THR B 104 22.98 -22.81 21.95
N GLN B 105 24.14 -22.50 22.52
CA GLN B 105 25.30 -22.05 21.74
C GLN B 105 26.20 -23.18 21.22
N LEU B 106 26.09 -24.36 21.82
CA LEU B 106 26.99 -25.47 21.49
C LEU B 106 26.27 -26.77 21.16
N GLU B 107 25.35 -27.19 22.04
CA GLU B 107 24.74 -28.52 21.94
C GLU B 107 23.59 -28.63 20.94
N LEU B 108 22.88 -27.53 20.70
CA LEU B 108 21.80 -27.52 19.71
C LEU B 108 22.31 -27.26 18.29
N ARG B 109 23.63 -27.11 18.14
CA ARG B 109 24.25 -26.79 16.86
C ARG B 109 24.67 -28.08 16.14
N GLN B 110 23.69 -28.96 15.92
CA GLN B 110 23.93 -30.28 15.35
C GLN B 110 24.07 -30.23 13.83
N SER B 111 24.98 -31.03 13.29
CA SER B 111 25.29 -31.03 11.85
C SER B 111 24.39 -31.94 11.01
N ASN B 112 23.77 -32.93 11.66
CA ASN B 112 22.84 -33.84 10.98
C ASN B 112 21.63 -33.07 10.43
N LEU B 113 21.48 -33.10 9.11
CA LEU B 113 20.43 -32.37 8.40
C LEU B 113 19.03 -32.61 8.97
N GLU B 114 18.69 -33.89 9.12
CA GLU B 114 17.40 -34.32 9.68
C GLU B 114 17.10 -33.69 11.04
N LEU B 115 18.06 -33.81 11.96
CA LEU B 115 17.92 -33.28 13.32
C LEU B 115 17.94 -31.75 13.37
N ARG B 116 18.80 -31.15 12.55
CA ARG B 116 18.99 -29.70 12.53
C ARG B 116 17.76 -28.95 12.01
N GLN B 117 17.06 -29.56 11.05
CA GLN B 117 15.82 -29.00 10.50
C GLN B 117 14.70 -28.93 11.56
N LYS B 118 14.65 -29.94 12.43
CA LYS B 118 13.70 -29.96 13.54
C LYS B 118 14.03 -28.87 14.56
N ILE B 119 15.33 -28.66 14.78
CA ILE B 119 15.82 -27.61 15.67
C ILE B 119 15.49 -26.21 15.10
N ASN B 120 15.82 -26.01 13.83
CA ASN B 120 15.59 -24.72 13.16
C ASN B 120 14.11 -24.37 12.99
N GLU B 121 13.27 -25.40 12.93
CA GLU B 121 11.81 -25.22 12.89
C GLU B 121 11.30 -24.51 14.15
N ILE B 122 11.90 -24.84 15.30
CA ILE B 122 11.55 -24.23 16.59
C ILE B 122 12.08 -22.79 16.66
N LEU B 123 13.26 -22.57 16.08
CA LEU B 123 13.86 -21.25 15.99
C LEU B 123 12.97 -20.25 15.25
N LYS B 124 12.25 -20.75 14.26
CA LYS B 124 11.39 -19.95 13.38
C LYS B 124 10.44 -19.00 14.11
N GLY B 125 9.84 -19.48 15.21
CA GLY B 125 8.90 -18.67 15.99
C GLY B 125 9.53 -17.43 16.59
N TYR B 126 10.80 -17.54 16.99
CA TYR B 126 11.56 -16.42 17.54
C TYR B 126 11.92 -15.41 16.45
N LEU B 127 12.38 -15.91 15.31
CA LEU B 127 12.72 -15.05 14.17
C LEU B 127 11.50 -14.36 13.58
N ASN B 128 10.34 -15.01 13.68
CA ASN B 128 9.06 -14.43 13.26
C ASN B 128 8.72 -13.13 13.99
N ILE B 129 9.11 -13.06 15.27
CA ILE B 129 8.91 -11.86 16.08
C ILE B 129 9.77 -10.72 15.55
N LEU B 130 11.01 -11.03 15.18
CA LEU B 130 11.90 -10.05 14.58
C LEU B 130 11.36 -9.52 13.25
N ASP B 131 10.79 -10.42 12.44
CA ASP B 131 10.16 -10.06 11.18
C ASP B 131 9.03 -9.06 11.37
N GLY B 132 8.17 -9.31 12.37
CA GLY B 132 7.05 -8.43 12.70
C GLY B 132 7.48 -7.05 13.15
N ILE B 133 8.47 -7.00 14.04
CA ILE B 133 9.06 -5.75 14.51
C ILE B 133 9.61 -4.93 13.33
N LEU B 134 10.27 -5.61 12.39
CA LEU B 134 10.85 -4.94 11.23
C LEU B 134 9.82 -4.45 10.22
N THR B 135 8.80 -5.29 9.95
CA THR B 135 7.76 -4.95 8.97
C THR B 135 6.89 -3.77 9.44
N GLU B 136 6.49 -3.79 10.71
CA GLU B 136 5.71 -2.71 11.30
C GLU B 136 6.54 -1.44 11.47
N GLY B 137 7.85 -1.60 11.62
CA GLY B 137 8.78 -0.48 11.70
C GLY B 137 8.90 0.26 10.39
N ILE B 138 8.87 -0.49 9.28
CA ILE B 138 8.87 0.08 7.93
C ILE B 138 7.54 0.79 7.66
N GLN B 139 6.45 0.19 8.13
CA GLN B 139 5.10 0.74 7.99
C GLN B 139 4.98 2.16 8.58
N SER B 140 5.64 2.37 9.71
CA SER B 140 5.60 3.67 10.39
C SER B 140 6.62 4.65 9.82
N GLY B 141 7.59 4.12 9.07
CA GLY B 141 8.69 4.93 8.54
C GLY B 141 9.82 5.09 9.54
N GLU B 142 9.79 4.26 10.59
CA GLU B 142 10.86 4.22 11.58
C GLU B 142 12.06 3.47 11.02
N ILE B 143 11.77 2.32 10.40
CA ILE B 143 12.79 1.47 9.80
C ILE B 143 12.96 1.85 8.32
N LYS B 144 14.20 1.77 7.83
CA LYS B 144 14.55 2.08 6.45
C LYS B 144 13.63 1.41 5.43
N GLU B 145 13.15 2.20 4.47
CA GLU B 145 12.34 1.69 3.37
C GLU B 145 13.26 0.97 2.37
N GLY B 146 12.78 -0.15 1.84
CA GLY B 146 13.56 -0.94 0.88
C GLY B 146 14.60 -1.83 1.55
N LEU B 147 14.62 -1.79 2.89
CA LEU B 147 15.44 -2.69 3.68
C LEU B 147 14.91 -4.12 3.53
N ASP B 148 15.82 -5.07 3.35
CA ASP B 148 15.47 -6.48 3.25
C ASP B 148 15.21 -7.03 4.66
N VAL B 149 13.94 -7.33 4.94
CA VAL B 149 13.51 -7.83 6.26
C VAL B 149 14.24 -9.12 6.63
N ARG B 150 14.37 -10.05 5.68
CA ARG B 150 15.06 -11.32 5.89
C ARG B 150 16.52 -11.14 6.29
N LEU B 151 17.22 -10.24 5.60
CA LEU B 151 18.63 -9.98 5.87
C LEU B 151 18.83 -9.25 7.18
N ALA B 152 17.93 -8.30 7.47
CA ALA B 152 17.96 -7.56 8.73
C ALA B 152 17.68 -8.49 9.91
N ARG B 153 16.76 -9.43 9.71
CA ARG B 153 16.47 -10.49 10.69
C ARG B 153 17.72 -11.31 10.99
N GLN B 154 18.48 -11.63 9.95
CA GLN B 154 19.70 -12.44 10.07
C GLN B 154 20.83 -11.65 10.72
N MET B 155 20.89 -10.35 10.43
CA MET B 155 21.84 -9.46 11.11
C MET B 155 21.52 -9.39 12.60
N ILE B 156 20.26 -9.11 12.94
CA ILE B 156 19.83 -8.97 14.32
C ILE B 156 20.13 -10.25 15.12
N PHE B 157 19.61 -11.39 14.64
CA PHE B 157 19.82 -12.67 15.33
C PHE B 157 21.29 -13.06 15.38
N GLY B 158 21.97 -12.93 14.25
CA GLY B 158 23.39 -13.27 14.15
C GLY B 158 24.25 -12.48 15.12
N THR B 159 23.96 -11.18 15.22
CA THR B 159 24.66 -10.28 16.14
C THR B 159 24.44 -10.65 17.60
N ILE B 160 23.18 -10.85 17.98
CA ILE B 160 22.81 -11.26 19.34
C ILE B 160 23.46 -12.60 19.68
N ASP B 161 23.34 -13.56 18.75
CA ASP B 161 23.85 -14.91 18.90
C ASP B 161 25.36 -14.96 19.10
N GLU B 162 26.08 -14.21 18.28
CA GLU B 162 27.54 -14.15 18.35
C GLU B 162 28.01 -13.55 19.66
N THR B 163 27.30 -12.54 20.13
CA THR B 163 27.58 -11.91 21.43
C THR B 163 27.48 -12.96 22.54
N VAL B 164 26.43 -13.77 22.50
CA VAL B 164 26.24 -14.86 23.48
C VAL B 164 27.36 -15.89 23.38
N THR B 165 27.63 -16.37 22.17
CA THR B 165 28.66 -17.40 21.95
C THR B 165 30.02 -16.99 22.52
N THR B 166 30.45 -15.77 22.21
CA THR B 166 31.69 -15.20 22.72
C THR B 166 31.71 -15.22 24.26
N TRP B 167 30.60 -14.81 24.86
CA TRP B 167 30.40 -14.83 26.31
C TRP B 167 30.52 -16.25 26.89
N VAL B 168 29.93 -17.23 26.20
CA VAL B 168 30.03 -18.63 26.59
C VAL B 168 31.47 -19.14 26.51
N MET B 169 32.16 -18.79 25.43
CA MET B 169 33.55 -19.20 25.21
C MET B 169 34.52 -18.53 26.18
N ASN B 170 34.09 -17.41 26.77
CA ASN B 170 34.86 -16.72 27.79
C ASN B 170 34.42 -17.10 29.20
N ASP B 171 33.89 -18.31 29.34
CA ASP B 171 33.48 -18.89 30.63
C ASP B 171 32.44 -18.05 31.38
N GLN B 172 31.70 -17.23 30.63
CA GLN B 172 30.62 -16.40 31.18
C GLN B 172 31.08 -15.51 32.33
N LYS B 173 32.33 -15.06 32.27
CA LYS B 173 32.96 -14.31 33.36
C LYS B 173 32.47 -12.85 33.46
N TYR B 174 31.99 -12.31 32.35
CA TYR B 174 31.53 -10.91 32.32
C TYR B 174 30.01 -10.76 32.18
N ASP B 175 29.50 -9.58 32.50
CA ASP B 175 28.07 -9.32 32.53
C ASP B 175 27.49 -9.18 31.12
N LEU B 176 26.73 -10.20 30.71
CA LEU B 176 26.12 -10.25 29.38
C LEU B 176 24.94 -9.27 29.25
N VAL B 177 24.11 -9.21 30.27
CA VAL B 177 22.92 -8.34 30.29
C VAL B 177 23.28 -6.85 30.15
N ALA B 178 24.42 -6.46 30.70
CA ALA B 178 24.89 -5.07 30.64
C ALA B 178 25.27 -4.63 29.22
N LEU B 179 25.43 -5.61 28.32
CA LEU B 179 25.76 -5.33 26.93
C LEU B 179 24.53 -5.08 26.06
N SER B 180 23.34 -5.20 26.66
CA SER B 180 22.08 -5.08 25.94
C SER B 180 21.97 -3.82 25.08
N ASN B 181 22.21 -2.67 25.70
CA ASN B 181 22.03 -1.37 25.03
C ASN B 181 23.05 -1.09 23.93
N SER B 182 24.30 -1.50 24.17
CA SER B 182 25.38 -1.33 23.19
C SER B 182 25.10 -2.14 21.92
N VAL B 183 24.57 -3.35 22.09
CA VAL B 183 24.16 -4.21 20.98
C VAL B 183 23.01 -3.56 20.19
N LEU B 184 22.04 -3.02 20.92
CA LEU B 184 20.88 -2.35 20.32
C LEU B 184 21.28 -1.17 19.43
N GLU B 185 22.13 -0.29 19.97
CA GLU B 185 22.59 0.90 19.24
C GLU B 185 23.34 0.55 17.97
N LEU B 186 24.19 -0.48 18.05
CA LEU B 186 24.93 -0.98 16.89
C LEU B 186 24.00 -1.45 15.78
N LEU B 187 22.95 -2.17 16.15
CA LEU B 187 21.96 -2.67 15.19
C LEU B 187 21.07 -1.58 14.63
N VAL B 188 20.85 -0.53 15.43
CA VAL B 188 20.00 0.59 15.02
C VAL B 188 20.72 1.54 14.04
N SER B 189 21.96 1.91 14.38
CA SER B 189 22.67 2.97 13.64
C SER B 189 23.88 2.49 12.82
N GLY B 190 24.28 1.24 13.02
CA GLY B 190 25.41 0.67 12.30
C GLY B 190 26.76 1.13 12.82
N ILE B 191 27.83 0.69 12.16
CA ILE B 191 29.20 1.01 12.58
C ILE B 191 29.62 2.45 12.23
N HIS B 192 28.96 3.02 11.22
CA HIS B 192 29.17 4.42 10.87
C HIS B 192 28.50 5.36 11.87
N ASN B 193 27.30 4.97 12.32
CA ASN B 193 26.52 5.72 13.31
C ASN B 193 26.34 7.20 12.99
N ARG C 5 9.47 -32.36 -11.83
CA ARG C 5 10.82 -32.72 -11.29
C ARG C 5 11.42 -31.55 -10.50
N PRO C 6 11.90 -31.83 -9.26
CA PRO C 6 12.37 -30.80 -8.32
C PRO C 6 13.42 -29.85 -8.87
N LYS C 7 14.43 -30.39 -9.55
CA LYS C 7 15.53 -29.59 -10.08
C LYS C 7 15.07 -28.70 -11.24
N TYR C 8 14.16 -29.23 -12.05
CA TYR C 8 13.52 -28.48 -13.13
C TYR C 8 12.77 -27.26 -12.56
N MET C 9 12.08 -27.47 -11.45
CA MET C 9 11.26 -26.43 -10.81
C MET C 9 12.08 -25.39 -10.03
N GLN C 10 13.19 -25.83 -9.45
CA GLN C 10 14.14 -24.93 -8.79
C GLN C 10 14.64 -23.87 -9.77
N ILE C 11 14.95 -24.29 -11.00
CA ILE C 11 15.40 -23.39 -12.05
C ILE C 11 14.27 -22.45 -12.48
N ILE C 12 13.07 -23.01 -12.63
CA ILE C 12 11.88 -22.23 -12.99
C ILE C 12 11.63 -21.10 -11.98
N ASP C 13 11.60 -21.45 -10.70
CA ASP C 13 11.32 -20.47 -9.64
C ASP C 13 12.41 -19.43 -9.51
N ALA C 14 13.67 -19.88 -9.63
CA ALA C 14 14.80 -18.95 -9.66
C ALA C 14 14.74 -18.00 -10.85
N ALA C 15 14.29 -18.51 -12.00
CA ALA C 15 14.17 -17.71 -13.22
C ALA C 15 13.12 -16.62 -13.10
N VAL C 16 12.03 -16.91 -12.39
CA VAL C 16 10.99 -15.91 -12.11
C VAL C 16 11.61 -14.71 -11.39
N GLU C 17 12.38 -14.99 -10.33
CA GLU C 17 13.06 -13.96 -9.54
C GLU C 17 14.03 -13.14 -10.38
N VAL C 18 14.90 -13.83 -11.12
CA VAL C 18 15.95 -13.18 -11.91
C VAL C 18 15.38 -12.28 -13.00
N ILE C 19 14.42 -12.81 -13.76
CA ILE C 19 13.78 -12.07 -14.86
C ILE C 19 12.99 -10.86 -14.36
N ALA C 20 12.32 -10.99 -13.21
CA ALA C 20 11.56 -9.89 -12.62
C ALA C 20 12.44 -8.76 -12.09
N GLU C 21 13.57 -9.13 -11.47
CA GLU C 21 14.47 -8.17 -10.85
C GLU C 21 15.46 -7.52 -11.82
N ASN C 22 15.91 -8.29 -12.81
CA ASN C 22 16.94 -7.81 -13.75
C ASN C 22 16.42 -7.45 -15.14
N GLY C 23 15.24 -7.95 -15.49
CA GLY C 23 14.72 -7.83 -16.85
C GLY C 23 15.15 -9.05 -17.66
N TYR C 24 14.34 -9.42 -18.64
CA TYR C 24 14.58 -10.65 -19.41
C TYR C 24 15.90 -10.64 -20.19
N HIS C 25 16.19 -9.53 -20.86
CA HIS C 25 17.38 -9.45 -21.72
C HIS C 25 18.69 -9.34 -20.95
N GLN C 26 18.60 -9.10 -19.64
CA GLN C 26 19.78 -9.08 -18.77
C GLN C 26 19.82 -10.30 -17.85
N SER C 27 18.96 -11.29 -18.13
CA SER C 27 18.85 -12.49 -17.30
C SER C 27 19.50 -13.70 -17.96
N GLN C 28 20.83 -13.75 -17.95
CA GLN C 28 21.58 -14.86 -18.55
C GLN C 28 21.54 -16.12 -17.71
N VAL C 29 21.73 -17.26 -18.37
CA VAL C 29 21.72 -18.59 -17.75
C VAL C 29 22.56 -18.66 -16.45
N SER C 30 23.75 -18.05 -16.49
CA SER C 30 24.66 -18.05 -15.34
C SER C 30 24.08 -17.36 -14.10
N LYS C 31 23.32 -16.28 -14.33
CA LYS C 31 22.62 -15.59 -13.23
C LYS C 31 21.53 -16.47 -12.63
N ILE C 32 20.75 -17.10 -13.50
CA ILE C 32 19.66 -18.00 -13.08
C ILE C 32 20.21 -19.18 -12.30
N ALA C 33 21.33 -19.73 -12.77
CA ALA C 33 22.00 -20.87 -12.12
C ALA C 33 22.43 -20.54 -10.69
N LYS C 34 22.99 -19.35 -10.50
CA LYS C 34 23.42 -18.90 -9.16
C LYS C 34 22.24 -18.66 -8.22
N GLN C 35 21.11 -18.25 -8.78
CA GLN C 35 19.90 -18.05 -7.99
C GLN C 35 19.20 -19.38 -7.68
N ALA C 36 19.41 -20.38 -8.53
CA ALA C 36 18.84 -21.71 -8.35
C ALA C 36 19.68 -22.58 -7.42
N GLY C 37 20.92 -22.18 -7.20
CA GLY C 37 21.86 -22.95 -6.39
C GLY C 37 22.45 -24.12 -7.13
N VAL C 38 22.43 -24.05 -8.46
CA VAL C 38 22.96 -25.12 -9.32
C VAL C 38 24.07 -24.60 -10.25
N ALA C 39 24.86 -25.53 -10.79
CA ALA C 39 25.90 -25.19 -11.77
C ALA C 39 25.28 -24.83 -13.12
N ASP C 40 26.07 -24.19 -13.99
CA ASP C 40 25.63 -23.83 -15.35
C ASP C 40 25.19 -25.05 -16.15
N GLY C 41 25.93 -26.15 -16.02
CA GLY C 41 25.63 -27.40 -16.72
C GLY C 41 24.27 -28.00 -16.38
N THR C 42 23.84 -27.83 -15.14
CA THR C 42 22.53 -28.31 -14.68
C THR C 42 21.41 -27.70 -15.52
N ILE C 43 21.50 -26.39 -15.77
CA ILE C 43 20.53 -25.68 -16.61
C ILE C 43 20.40 -26.34 -17.98
N TYR C 44 21.53 -26.65 -18.60
CA TYR C 44 21.54 -27.22 -19.95
C TYR C 44 21.15 -28.69 -20.02
N LEU C 45 20.99 -29.33 -18.85
CA LEU C 45 20.41 -30.67 -18.79
C LEU C 45 18.89 -30.62 -18.93
N TYR C 46 18.30 -29.44 -18.68
CA TYR C 46 16.86 -29.26 -18.71
C TYR C 46 16.38 -28.30 -19.81
N PHE C 47 17.20 -27.30 -20.12
CA PHE C 47 16.81 -26.27 -21.07
C PHE C 47 17.88 -26.05 -22.13
N LYS C 48 17.44 -25.61 -23.32
CA LYS C 48 18.34 -25.30 -24.41
C LYS C 48 19.04 -23.96 -24.18
N ASN C 49 18.25 -22.97 -23.75
CA ASN C 49 18.70 -21.59 -23.56
C ASN C 49 17.72 -20.80 -22.67
N LYS C 50 17.97 -19.51 -22.51
CA LYS C 50 17.12 -18.68 -21.65
C LYS C 50 15.71 -18.46 -22.19
N GLU C 51 15.55 -18.51 -23.51
CA GLU C 51 14.22 -18.39 -24.12
C GLU C 51 13.36 -19.60 -23.79
N ASP C 52 13.97 -20.78 -23.90
CA ASP C 52 13.34 -22.04 -23.51
C ASP C 52 12.88 -21.96 -22.05
N ILE C 53 13.66 -21.28 -21.21
CA ILE C 53 13.33 -21.09 -19.80
C ILE C 53 12.10 -20.18 -19.63
N LEU C 54 12.07 -19.09 -20.38
CA LEU C 54 10.95 -18.12 -20.32
C LEU C 54 9.62 -18.75 -20.74
N ILE C 55 9.63 -19.53 -21.82
CA ILE C 55 8.43 -20.22 -22.30
C ILE C 55 7.96 -21.28 -21.30
N SER C 56 8.90 -22.14 -20.88
CA SER C 56 8.60 -23.21 -19.92
C SER C 56 8.08 -22.68 -18.59
N LEU C 57 8.66 -21.56 -18.15
CA LEU C 57 8.22 -20.81 -16.98
C LEU C 57 6.74 -20.48 -17.09
N PHE C 58 6.36 -19.85 -18.20
CA PHE C 58 4.98 -19.45 -18.46
C PHE C 58 4.07 -20.66 -18.64
N LYS C 59 4.56 -21.66 -19.38
CA LYS C 59 3.83 -22.90 -19.62
C LYS C 59 3.44 -23.60 -18.31
N GLU C 60 4.43 -23.75 -17.43
CA GLU C 60 4.25 -24.44 -16.15
C GLU C 60 3.25 -23.72 -15.23
N LYS C 61 3.46 -22.42 -15.03
CA LYS C 61 2.63 -21.63 -14.12
C LYS C 61 1.20 -21.42 -14.62
N MET C 62 1.05 -21.29 -15.94
CA MET C 62 -0.27 -21.21 -16.56
C MET C 62 -1.04 -22.53 -16.39
N GLY C 63 -0.33 -23.64 -16.57
CA GLY C 63 -0.90 -24.98 -16.42
C GLY C 63 -1.47 -25.23 -15.03
N GLN C 64 -0.73 -24.81 -14.00
CA GLN C 64 -1.18 -24.91 -12.61
C GLN C 64 -2.39 -24.02 -12.35
N PHE C 65 -2.38 -22.84 -12.96
CA PHE C 65 -3.49 -21.88 -12.83
C PHE C 65 -4.78 -22.41 -13.48
N ILE C 66 -4.67 -22.96 -14.68
CA ILE C 66 -5.81 -23.51 -15.41
C ILE C 66 -6.43 -24.71 -14.69
N GLU C 67 -5.58 -25.64 -14.24
CA GLU C 67 -6.04 -26.84 -13.52
C GLU C 67 -6.85 -26.49 -12.28
N ARG C 68 -6.38 -25.50 -11.51
CA ARG C 68 -7.12 -24.99 -10.36
C ARG C 68 -8.40 -24.27 -10.76
N MET C 69 -8.34 -23.54 -11.87
CA MET C 69 -9.46 -22.74 -12.36
C MET C 69 -10.61 -23.58 -12.90
N GLU C 70 -10.28 -24.56 -13.74
CA GLU C 70 -11.29 -25.45 -14.34
C GLU C 70 -12.03 -26.27 -13.29
N GLU C 71 -11.29 -26.72 -12.27
CA GLU C 71 -11.85 -27.51 -11.18
C GLU C 71 -12.77 -26.69 -10.27
N ASP C 72 -12.39 -25.45 -10.00
CA ASP C 72 -13.10 -24.59 -9.05
C ASP C 72 -14.41 -23.98 -9.58
N ILE C 73 -14.45 -23.66 -10.87
CA ILE C 73 -15.64 -23.06 -11.47
C ILE C 73 -16.80 -24.04 -11.69
N LYS C 74 -16.48 -25.34 -11.62
CA LYS C 74 -17.47 -26.40 -11.80
C LYS C 74 -18.49 -26.48 -10.67
N GLU C 75 -18.10 -26.01 -9.48
CA GLU C 75 -18.99 -25.97 -8.32
C GLU C 75 -20.03 -24.84 -8.43
N LYS C 76 -19.71 -23.84 -9.25
CA LYS C 76 -20.57 -22.66 -9.41
C LYS C 76 -21.46 -22.80 -10.65
N ALA C 77 -22.73 -22.42 -10.50
CA ALA C 77 -23.73 -22.60 -11.56
C ALA C 77 -23.71 -21.48 -12.59
N THR C 78 -23.94 -20.24 -12.13
CA THR C 78 -24.12 -19.11 -13.02
C THR C 78 -22.82 -18.64 -13.68
N ALA C 79 -22.95 -18.12 -14.89
CA ALA C 79 -21.83 -17.58 -15.65
C ALA C 79 -21.18 -16.40 -14.94
N LYS C 80 -21.99 -15.65 -14.19
CA LYS C 80 -21.51 -14.50 -13.41
C LYS C 80 -20.58 -14.94 -12.27
N GLU C 81 -20.97 -16.00 -11.57
CA GLU C 81 -20.18 -16.54 -10.46
C GLU C 81 -18.89 -17.21 -10.93
N LYS C 82 -18.96 -17.83 -12.12
CA LYS C 82 -17.77 -18.41 -12.75
C LYS C 82 -16.78 -17.32 -13.10
N LEU C 83 -17.29 -16.26 -13.73
CA LEU C 83 -16.48 -15.10 -14.13
C LEU C 83 -15.87 -14.38 -12.93
N ALA C 84 -16.64 -14.27 -11.85
CA ALA C 84 -16.19 -13.68 -10.60
C ALA C 84 -14.99 -14.41 -10.03
N LEU C 85 -15.01 -15.75 -10.13
CA LEU C 85 -13.94 -16.59 -9.62
C LEU C 85 -12.68 -16.47 -10.48
N VAL C 86 -12.87 -16.32 -11.79
CA VAL C 86 -11.77 -16.11 -12.72
C VAL C 86 -11.01 -14.82 -12.38
N ILE C 87 -11.76 -13.73 -12.20
CA ILE C 87 -11.18 -12.43 -11.84
C ILE C 87 -10.45 -12.48 -10.50
N SER C 88 -11.11 -13.03 -9.48
CA SER C 88 -10.54 -13.08 -8.12
C SER C 88 -9.28 -13.94 -8.03
N LYS C 89 -9.26 -15.07 -8.73
CA LYS C 89 -8.08 -15.94 -8.76
C LYS C 89 -6.93 -15.36 -9.59
N HIS C 90 -7.28 -14.69 -10.70
CA HIS C 90 -6.31 -13.97 -11.51
C HIS C 90 -5.62 -12.91 -10.67
N PHE C 91 -6.41 -12.10 -9.98
CA PHE C 91 -5.88 -11.04 -9.10
C PHE C 91 -5.10 -11.60 -7.92
N SER C 92 -5.62 -12.66 -7.29
CA SER C 92 -5.00 -13.26 -6.09
C SER C 92 -3.61 -13.83 -6.36
N LEU C 93 -3.46 -14.51 -7.50
CA LEU C 93 -2.18 -15.10 -7.88
C LEU C 93 -1.09 -14.04 -8.04
N LEU C 94 -1.43 -12.94 -8.71
CA LEU C 94 -0.45 -11.90 -9.01
C LEU C 94 -0.20 -10.95 -7.83
N ALA C 95 -1.20 -10.76 -6.97
CA ALA C 95 -1.02 -10.00 -5.73
C ALA C 95 -0.20 -10.78 -4.71
N GLY C 96 -0.30 -12.11 -4.75
CA GLY C 96 0.42 -12.99 -3.85
C GLY C 96 1.93 -13.05 -4.11
N ASP C 97 2.31 -12.92 -5.38
CA ASP C 97 3.71 -12.90 -5.77
C ASP C 97 3.98 -11.74 -6.71
N HIS C 98 4.70 -10.74 -6.22
CA HIS C 98 4.99 -9.52 -6.96
C HIS C 98 5.92 -9.74 -8.16
N ASN C 99 6.79 -10.76 -8.05
CA ASN C 99 7.66 -11.15 -9.15
C ASN C 99 6.87 -11.68 -10.36
N LEU C 100 5.84 -12.47 -10.08
CA LEU C 100 4.95 -13.01 -11.11
C LEU C 100 4.33 -11.90 -11.96
N ALA C 101 3.80 -10.88 -11.28
CA ALA C 101 3.14 -9.75 -11.94
C ALA C 101 4.07 -8.99 -12.89
N ILE C 102 5.31 -8.77 -12.45
CA ILE C 102 6.32 -8.13 -13.29
C ILE C 102 6.60 -8.95 -14.55
N VAL C 103 6.63 -10.27 -14.40
CA VAL C 103 6.88 -11.17 -15.53
C VAL C 103 5.71 -11.14 -16.52
N THR C 104 4.48 -11.27 -16.00
CA THR C 104 3.29 -11.36 -16.86
C THR C 104 2.95 -10.05 -17.56
N GLN C 105 3.09 -8.93 -16.85
CA GLN C 105 2.68 -7.63 -17.38
C GLN C 105 3.77 -6.89 -18.15
N LEU C 106 5.03 -7.26 -17.92
CA LEU C 106 6.14 -6.58 -18.59
C LEU C 106 7.07 -7.51 -19.36
N GLU C 107 7.63 -8.50 -18.68
CA GLU C 107 8.72 -9.31 -19.22
C GLU C 107 8.31 -10.32 -20.28
N LEU C 108 7.08 -10.85 -20.18
CA LEU C 108 6.56 -11.80 -21.15
C LEU C 108 6.03 -11.14 -22.41
N ARG C 109 5.93 -9.82 -22.39
CA ARG C 109 5.41 -9.08 -23.52
C ARG C 109 6.52 -8.64 -24.48
N GLN C 110 6.86 -9.56 -25.37
CA GLN C 110 7.99 -9.40 -26.28
C GLN C 110 7.54 -8.97 -27.66
N SER C 111 8.29 -8.04 -28.26
CA SER C 111 7.95 -7.48 -29.57
C SER C 111 8.23 -8.46 -30.71
N ASN C 112 9.15 -9.40 -30.47
CA ASN C 112 9.45 -10.45 -31.44
C ASN C 112 8.19 -11.25 -31.74
N LEU C 113 7.80 -11.27 -33.01
CA LEU C 113 6.53 -11.88 -33.43
C LEU C 113 6.49 -13.39 -33.20
N GLU C 114 7.59 -14.08 -33.52
CA GLU C 114 7.66 -15.53 -33.38
C GLU C 114 7.59 -15.97 -31.92
N LEU C 115 8.35 -15.31 -31.04
CA LEU C 115 8.34 -15.60 -29.62
C LEU C 115 6.98 -15.30 -28.97
N ARG C 116 6.36 -14.20 -29.39
CA ARG C 116 5.04 -13.83 -28.91
C ARG C 116 3.96 -14.83 -29.32
N GLN C 117 4.11 -15.39 -30.53
CA GLN C 117 3.23 -16.44 -31.01
C GLN C 117 3.32 -17.70 -30.15
N LYS C 118 4.55 -18.05 -29.75
CA LYS C 118 4.79 -19.17 -28.82
C LYS C 118 4.18 -18.90 -27.45
N ILE C 119 4.29 -17.65 -26.99
CA ILE C 119 3.73 -17.22 -25.72
C ILE C 119 2.20 -17.23 -25.76
N ASN C 120 1.63 -16.73 -26.85
CA ASN C 120 0.17 -16.66 -27.01
C ASN C 120 -0.52 -18.02 -27.18
N GLU C 121 0.23 -19.04 -27.58
CA GLU C 121 -0.29 -20.40 -27.65
C GLU C 121 -0.64 -20.92 -26.25
N ILE C 122 0.18 -20.54 -25.27
CA ILE C 122 -0.03 -20.92 -23.88
C ILE C 122 -1.18 -20.10 -23.27
N LEU C 123 -1.36 -18.89 -23.78
CA LEU C 123 -2.47 -18.02 -23.36
C LEU C 123 -3.84 -18.57 -23.77
N LYS C 124 -3.88 -19.33 -24.86
CA LYS C 124 -5.12 -19.93 -25.39
C LYS C 124 -5.94 -20.68 -24.33
N GLY C 125 -5.27 -21.52 -23.54
CA GLY C 125 -5.93 -22.31 -22.49
C GLY C 125 -6.72 -21.47 -21.50
N TYR C 126 -6.17 -20.31 -21.15
CA TYR C 126 -6.83 -19.36 -20.27
C TYR C 126 -8.04 -18.71 -20.94
N LEU C 127 -7.89 -18.38 -22.23
CA LEU C 127 -8.96 -17.72 -22.99
C LEU C 127 -10.09 -18.68 -23.37
N ASN C 128 -9.78 -19.97 -23.46
CA ASN C 128 -10.79 -21.00 -23.71
C ASN C 128 -11.74 -21.17 -22.53
N ILE C 129 -11.23 -20.94 -21.32
CA ILE C 129 -12.06 -20.93 -20.12
C ILE C 129 -13.12 -19.83 -20.22
N LEU C 130 -12.69 -18.65 -20.67
CA LEU C 130 -13.60 -17.52 -20.90
C LEU C 130 -14.64 -17.86 -21.97
N ASP C 131 -14.20 -18.52 -23.05
CA ASP C 131 -15.09 -18.96 -24.13
C ASP C 131 -16.11 -19.97 -23.61
N GLY C 132 -15.66 -20.86 -22.73
CA GLY C 132 -16.51 -21.87 -22.11
C GLY C 132 -17.64 -21.26 -21.30
N ILE C 133 -17.31 -20.26 -20.48
CA ILE C 133 -18.28 -19.55 -19.64
C ILE C 133 -19.28 -18.77 -20.50
N LEU C 134 -18.77 -18.07 -21.51
CA LEU C 134 -19.59 -17.23 -22.38
C LEU C 134 -20.60 -18.02 -23.21
N THR C 135 -20.15 -19.13 -23.79
CA THR C 135 -21.00 -19.96 -24.65
C THR C 135 -22.12 -20.67 -23.88
N GLU C 136 -21.81 -21.16 -22.68
CA GLU C 136 -22.81 -21.82 -21.85
C GLU C 136 -23.79 -20.83 -21.22
N GLY C 137 -23.35 -19.58 -21.06
CA GLY C 137 -24.19 -18.50 -20.58
C GLY C 137 -25.20 -18.05 -21.62
N ILE C 138 -24.82 -18.14 -22.89
CA ILE C 138 -25.70 -17.83 -24.01
C ILE C 138 -26.83 -18.87 -24.11
N GLN C 139 -26.46 -20.15 -24.11
CA GLN C 139 -27.43 -21.24 -24.26
C GLN C 139 -28.40 -21.37 -23.07
N SER C 140 -27.96 -20.92 -21.89
CA SER C 140 -28.82 -20.91 -20.71
C SER C 140 -29.72 -19.67 -20.67
N GLY C 141 -29.34 -18.65 -21.44
CA GLY C 141 -30.11 -17.41 -21.52
C GLY C 141 -29.66 -16.36 -20.52
N GLU C 142 -28.53 -16.62 -19.85
CA GLU C 142 -27.96 -15.68 -18.88
C GLU C 142 -27.16 -14.57 -19.56
N ILE C 143 -26.40 -14.95 -20.58
CA ILE C 143 -25.58 -14.00 -21.34
C ILE C 143 -26.29 -13.61 -22.64
N LYS C 144 -26.18 -12.33 -23.01
CA LYS C 144 -26.80 -11.78 -24.22
C LYS C 144 -26.72 -12.71 -25.42
N GLU C 145 -27.86 -13.01 -26.01
CA GLU C 145 -27.93 -13.79 -27.24
C GLU C 145 -27.51 -12.92 -28.42
N GLY C 146 -26.68 -13.48 -29.31
CA GLY C 146 -26.16 -12.73 -30.46
C GLY C 146 -24.91 -11.94 -30.14
N LEU C 147 -24.39 -12.11 -28.93
CA LEU C 147 -23.13 -11.51 -28.51
C LEU C 147 -21.97 -12.24 -29.17
N ASP C 148 -20.98 -11.50 -29.64
CA ASP C 148 -19.79 -12.10 -30.24
C ASP C 148 -18.86 -12.59 -29.14
N VAL C 149 -18.67 -13.90 -29.06
CA VAL C 149 -17.87 -14.53 -28.01
C VAL C 149 -16.41 -14.07 -28.06
N ARG C 150 -15.87 -13.95 -29.28
CA ARG C 150 -14.50 -13.49 -29.48
C ARG C 150 -14.27 -12.11 -28.90
N LEU C 151 -15.12 -11.15 -29.26
CA LEU C 151 -15.05 -9.78 -28.74
C LEU C 151 -15.25 -9.72 -27.23
N ALA C 152 -16.19 -10.53 -26.74
CA ALA C 152 -16.49 -10.59 -25.30
C ALA C 152 -15.30 -11.15 -24.53
N ARG C 153 -14.68 -12.20 -25.06
CA ARG C 153 -13.45 -12.77 -24.50
C ARG C 153 -12.33 -11.73 -24.46
N GLN C 154 -12.17 -11.01 -25.57
CA GLN C 154 -11.16 -9.96 -25.70
C GLN C 154 -11.42 -8.80 -24.74
N MET C 155 -12.71 -8.48 -24.55
CA MET C 155 -13.13 -7.47 -23.57
C MET C 155 -12.79 -7.89 -22.15
N ILE C 156 -13.17 -9.12 -21.79
CA ILE C 156 -12.94 -9.65 -20.45
C ILE C 156 -11.45 -9.70 -20.12
N PHE C 157 -10.67 -10.34 -20.99
CA PHE C 157 -9.23 -10.45 -20.78
C PHE C 157 -8.54 -9.08 -20.79
N GLY C 158 -8.86 -8.25 -21.78
CA GLY C 158 -8.31 -6.91 -21.89
C GLY C 158 -8.55 -6.05 -20.65
N THR C 159 -9.75 -6.18 -20.08
CA THR C 159 -10.15 -5.41 -18.90
C THR C 159 -9.39 -5.85 -17.65
N ILE C 160 -9.40 -7.17 -17.38
CA ILE C 160 -8.65 -7.74 -16.26
C ILE C 160 -7.15 -7.42 -16.41
N ASP C 161 -6.63 -7.62 -17.62
CA ASP C 161 -5.20 -7.41 -17.90
C ASP C 161 -4.76 -5.96 -17.68
N GLU C 162 -5.57 -5.01 -18.12
CA GLU C 162 -5.24 -3.60 -17.98
C GLU C 162 -5.32 -3.15 -16.52
N THR C 163 -6.24 -3.73 -15.76
CA THR C 163 -6.35 -3.49 -14.32
C THR C 163 -5.06 -3.90 -13.61
N VAL C 164 -4.53 -5.07 -13.96
CA VAL C 164 -3.27 -5.56 -13.38
C VAL C 164 -2.08 -4.69 -13.77
N THR C 165 -1.98 -4.33 -15.04
CA THR C 165 -0.86 -3.53 -15.55
C THR C 165 -0.80 -2.15 -14.86
N THR C 166 -1.94 -1.49 -14.74
CA THR C 166 -2.05 -0.21 -14.05
C THR C 166 -1.61 -0.36 -12.60
N TRP C 167 -2.01 -1.47 -12.00
CA TRP C 167 -1.62 -1.82 -10.64
C TRP C 167 -0.11 -2.02 -10.51
N VAL C 168 0.48 -2.71 -11.50
CA VAL C 168 1.95 -2.94 -11.53
C VAL C 168 2.70 -1.63 -11.72
N MET C 169 2.20 -0.75 -12.58
CA MET C 169 2.82 0.55 -12.83
C MET C 169 2.70 1.51 -11.63
N ASN C 170 1.77 1.21 -10.73
CA ASN C 170 1.63 1.97 -9.48
C ASN C 170 2.31 1.27 -8.30
N ASP C 171 3.44 0.61 -8.58
CA ASP C 171 4.24 -0.10 -7.58
C ASP C 171 3.42 -1.08 -6.72
N GLN C 172 2.30 -1.53 -7.27
CA GLN C 172 1.43 -2.53 -6.63
C GLN C 172 1.06 -2.15 -5.19
N LYS C 173 0.66 -0.90 -5.01
CA LYS C 173 0.46 -0.31 -3.69
C LYS C 173 -0.94 -0.50 -3.10
N TYR C 174 -1.95 -0.58 -3.96
CA TYR C 174 -3.34 -0.77 -3.51
C TYR C 174 -3.81 -2.21 -3.66
N ASP C 175 -4.91 -2.52 -2.97
CA ASP C 175 -5.47 -3.87 -2.95
C ASP C 175 -6.10 -4.23 -4.29
N LEU C 176 -5.39 -5.05 -5.07
CA LEU C 176 -5.86 -5.51 -6.37
C LEU C 176 -7.05 -6.47 -6.25
N VAL C 177 -6.95 -7.41 -5.31
CA VAL C 177 -7.99 -8.42 -5.09
C VAL C 177 -9.34 -7.78 -4.72
N ALA C 178 -9.29 -6.72 -3.92
CA ALA C 178 -10.51 -6.00 -3.51
C ALA C 178 -11.29 -5.38 -4.66
N LEU C 179 -10.69 -5.33 -5.85
CA LEU C 179 -11.33 -4.77 -7.05
C LEU C 179 -12.10 -5.81 -7.88
N SER C 180 -12.07 -7.07 -7.43
CA SER C 180 -12.69 -8.19 -8.16
C SER C 180 -14.17 -7.96 -8.49
N ASN C 181 -14.96 -7.62 -7.48
CA ASN C 181 -16.39 -7.39 -7.65
C ASN C 181 -16.71 -6.21 -8.55
N SER C 182 -15.93 -5.15 -8.40
CA SER C 182 -16.11 -3.92 -9.20
C SER C 182 -15.83 -4.17 -10.68
N VAL C 183 -14.77 -4.92 -10.97
CA VAL C 183 -14.43 -5.29 -12.35
C VAL C 183 -15.52 -6.17 -12.96
N LEU C 184 -16.05 -7.10 -12.16
CA LEU C 184 -17.14 -8.00 -12.56
C LEU C 184 -18.42 -7.25 -12.96
N GLU C 185 -18.84 -6.30 -12.11
CA GLU C 185 -20.07 -5.52 -12.35
C GLU C 185 -19.97 -4.61 -13.56
N LEU C 186 -18.76 -4.15 -13.86
CA LEU C 186 -18.50 -3.38 -15.07
C LEU C 186 -18.60 -4.26 -16.31
N LEU C 187 -18.03 -5.46 -16.23
CA LEU C 187 -18.07 -6.43 -17.33
C LEU C 187 -19.50 -6.94 -17.59
N VAL C 188 -20.25 -7.12 -16.51
CA VAL C 188 -21.60 -7.68 -16.58
C VAL C 188 -22.65 -6.68 -17.07
N SER C 189 -22.60 -5.45 -16.54
CA SER C 189 -23.66 -4.47 -16.75
C SER C 189 -23.26 -3.24 -17.59
N GLY C 190 -21.95 -3.07 -17.81
CA GLY C 190 -21.47 -1.93 -18.60
C GLY C 190 -21.49 -0.62 -17.84
N ILE C 191 -21.21 0.47 -18.56
CA ILE C 191 -21.05 1.80 -17.95
C ILE C 191 -22.34 2.63 -17.91
N HIS C 192 -23.30 2.30 -18.77
CA HIS C 192 -24.51 3.10 -18.93
C HIS C 192 -25.54 2.89 -17.82
N ASN C 193 -26.26 3.95 -17.48
CA ASN C 193 -27.32 3.91 -16.48
C ASN C 193 -28.60 3.31 -17.06
N LYS C 194 -29.25 2.46 -16.27
CA LYS C 194 -30.51 1.83 -16.69
N PRO D 6 9.22 19.30 -43.27
CA PRO D 6 10.17 19.50 -42.17
C PRO D 6 11.06 18.28 -41.96
N LYS D 7 12.32 18.53 -41.59
CA LYS D 7 13.31 17.47 -41.38
C LYS D 7 12.97 16.58 -40.17
N TYR D 8 12.39 17.20 -39.15
CA TYR D 8 11.97 16.50 -37.93
C TYR D 8 10.92 15.42 -38.24
N MET D 9 9.88 15.80 -38.96
CA MET D 9 8.78 14.89 -39.29
C MET D 9 9.19 13.76 -40.23
N GLN D 10 10.14 14.06 -41.12
CA GLN D 10 10.68 13.06 -42.06
C GLN D 10 11.38 11.93 -41.33
N ILE D 11 12.10 12.27 -40.26
CA ILE D 11 12.77 11.29 -39.41
C ILE D 11 11.73 10.50 -38.61
N ILE D 12 10.74 11.21 -38.05
CA ILE D 12 9.66 10.58 -37.30
C ILE D 12 8.93 9.53 -38.14
N ASP D 13 8.52 9.91 -39.35
CA ASP D 13 7.82 9.01 -40.27
C ASP D 13 8.67 7.84 -40.73
N ALA D 14 9.96 8.09 -40.96
CA ALA D 14 10.91 7.05 -41.34
C ALA D 14 11.18 6.09 -40.19
N ALA D 15 11.18 6.62 -38.96
CA ALA D 15 11.36 5.81 -37.76
C ALA D 15 10.21 4.81 -37.59
N VAL D 16 9.00 5.27 -37.86
CA VAL D 16 7.81 4.41 -37.81
C VAL D 16 7.97 3.20 -38.74
N GLU D 17 8.43 3.46 -39.96
CA GLU D 17 8.62 2.43 -40.98
C GLU D 17 9.72 1.42 -40.63
N VAL D 18 10.84 1.93 -40.13
CA VAL D 18 12.01 1.09 -39.79
C VAL D 18 11.74 0.23 -38.55
N ILE D 19 11.21 0.86 -37.51
CA ILE D 19 10.93 0.16 -36.24
C ILE D 19 9.85 -0.93 -36.42
N ALA D 20 8.87 -0.66 -37.26
CA ALA D 20 7.81 -1.64 -37.56
C ALA D 20 8.33 -2.84 -38.35
N GLU D 21 9.17 -2.60 -39.35
CA GLU D 21 9.69 -3.65 -40.23
C GLU D 21 10.71 -4.56 -39.57
N ASN D 22 11.59 -3.98 -38.76
CA ASN D 22 12.73 -4.69 -38.18
C ASN D 22 12.60 -5.02 -36.69
N GLY D 23 11.84 -4.21 -35.97
CA GLY D 23 11.78 -4.29 -34.52
C GLY D 23 12.62 -3.18 -33.91
N TYR D 24 12.22 -2.70 -32.73
CA TYR D 24 12.88 -1.57 -32.08
C TYR D 24 14.35 -1.83 -31.75
N HIS D 25 14.64 -3.00 -31.18
CA HIS D 25 15.99 -3.34 -30.75
C HIS D 25 16.92 -3.67 -31.92
N GLN D 26 16.34 -4.22 -32.99
CA GLN D 26 17.11 -4.57 -34.18
C GLN D 26 17.44 -3.35 -35.04
N SER D 27 16.52 -2.37 -35.04
CA SER D 27 16.68 -1.16 -35.86
C SER D 27 17.81 -0.27 -35.37
N GLN D 28 18.52 0.35 -36.31
CA GLN D 28 19.66 1.21 -36.01
C GLN D 28 19.36 2.65 -36.39
N VAL D 29 20.00 3.59 -35.68
CA VAL D 29 19.89 5.02 -35.96
C VAL D 29 20.31 5.33 -37.41
N SER D 30 21.39 4.69 -37.86
CA SER D 30 21.90 4.85 -39.23
C SER D 30 20.92 4.34 -40.28
N LYS D 31 20.12 3.33 -39.91
CA LYS D 31 19.11 2.77 -40.80
C LYS D 31 17.91 3.72 -40.92
N ILE D 32 17.55 4.37 -39.81
CA ILE D 32 16.48 5.37 -39.80
C ILE D 32 16.89 6.59 -40.65
N ALA D 33 18.17 6.97 -40.54
CA ALA D 33 18.74 8.07 -41.33
C ALA D 33 18.64 7.82 -42.83
N LYS D 34 18.94 6.60 -43.26
CA LYS D 34 18.89 6.20 -44.66
C LYS D 34 17.46 6.24 -45.21
N GLN D 35 16.50 5.79 -44.40
CA GLN D 35 15.09 5.81 -44.75
C GLN D 35 14.55 7.24 -44.82
N ALA D 36 15.05 8.10 -43.94
CA ALA D 36 14.67 9.52 -43.93
C ALA D 36 15.38 10.33 -45.02
N GLY D 37 16.44 9.75 -45.59
CA GLY D 37 17.23 10.42 -46.62
C GLY D 37 18.08 11.55 -46.07
N VAL D 38 18.61 11.37 -44.87
CA VAL D 38 19.45 12.36 -44.20
C VAL D 38 20.75 11.72 -43.68
N ALA D 39 21.76 12.54 -43.43
CA ALA D 39 23.01 12.08 -42.84
C ALA D 39 22.81 11.75 -41.36
N ASP D 40 23.71 10.95 -40.80
CA ASP D 40 23.63 10.54 -39.39
C ASP D 40 23.61 11.71 -38.42
N GLY D 41 24.41 12.74 -38.72
CA GLY D 41 24.48 13.94 -37.89
C GLY D 41 23.18 14.72 -37.81
N THR D 42 22.37 14.61 -38.86
CA THR D 42 21.06 15.28 -38.93
C THR D 42 20.07 14.70 -37.91
N ILE D 43 20.15 13.40 -37.68
CA ILE D 43 19.33 12.73 -36.67
C ILE D 43 19.65 13.30 -35.29
N TYR D 44 20.94 13.49 -35.03
CA TYR D 44 21.40 13.96 -33.73
C TYR D 44 21.18 15.46 -33.51
N LEU D 45 20.80 16.17 -34.58
CA LEU D 45 20.39 17.57 -34.48
C LEU D 45 19.03 17.69 -33.78
N TYR D 46 18.19 16.67 -33.94
CA TYR D 46 16.84 16.68 -33.39
C TYR D 46 16.65 15.70 -32.23
N PHE D 47 17.45 14.63 -32.20
CA PHE D 47 17.28 13.56 -31.23
C PHE D 47 18.57 13.19 -30.52
N LYS D 48 18.45 12.84 -29.24
CA LYS D 48 19.61 12.48 -28.41
C LYS D 48 20.12 11.08 -28.78
N ASN D 49 19.19 10.14 -28.91
CA ASN D 49 19.50 8.73 -29.21
C ASN D 49 18.29 7.99 -29.80
N LYS D 50 18.42 6.69 -29.97
CA LYS D 50 17.34 5.86 -30.52
C LYS D 50 16.10 5.86 -29.62
N GLU D 51 16.32 5.81 -28.31
CA GLU D 51 15.22 5.87 -27.34
C GLU D 51 14.43 7.16 -27.45
N ASP D 52 15.13 8.27 -27.67
CA ASP D 52 14.53 9.59 -27.86
C ASP D 52 13.60 9.60 -29.07
N ILE D 53 14.02 8.94 -30.15
CA ILE D 53 13.23 8.82 -31.38
C ILE D 53 11.91 8.07 -31.11
N LEU D 54 11.98 6.99 -30.35
CA LEU D 54 10.79 6.17 -30.04
C LEU D 54 9.76 6.93 -29.21
N ILE D 55 10.22 7.57 -28.15
CA ILE D 55 9.36 8.41 -27.30
C ILE D 55 8.77 9.58 -28.09
N SER D 56 9.60 10.19 -28.94
CA SER D 56 9.20 11.36 -29.72
C SER D 56 8.15 11.05 -30.78
N LEU D 57 8.28 9.92 -31.46
CA LEU D 57 7.30 9.52 -32.48
C LEU D 57 5.93 9.21 -31.85
N PHE D 58 5.95 8.62 -30.65
CA PHE D 58 4.72 8.34 -29.91
C PHE D 58 4.07 9.64 -29.47
N LYS D 59 4.89 10.57 -28.98
CA LYS D 59 4.43 11.90 -28.56
C LYS D 59 3.84 12.68 -29.72
N GLU D 60 4.48 12.60 -30.88
CA GLU D 60 4.05 13.32 -32.07
C GLU D 60 2.70 12.82 -32.60
N LYS D 61 2.59 11.51 -32.78
CA LYS D 61 1.39 10.89 -33.35
C LYS D 61 0.20 10.91 -32.38
N MET D 62 0.47 10.70 -31.09
CA MET D 62 -0.57 10.79 -30.07
C MET D 62 -1.10 12.23 -29.97
N GLY D 63 -0.18 13.20 -30.11
CA GLY D 63 -0.54 14.62 -30.15
C GLY D 63 -1.48 14.96 -31.29
N GLN D 64 -1.14 14.50 -32.49
CA GLN D 64 -2.00 14.65 -33.67
C GLN D 64 -3.37 14.02 -33.47
N PHE D 65 -3.37 12.84 -32.82
CA PHE D 65 -4.58 12.07 -32.57
C PHE D 65 -5.49 12.73 -31.52
N ILE D 66 -4.90 13.27 -30.46
CA ILE D 66 -5.65 13.93 -29.39
C ILE D 66 -6.34 15.22 -29.86
N GLU D 67 -5.63 16.03 -30.64
CA GLU D 67 -6.17 17.31 -31.10
C GLU D 67 -7.27 17.16 -32.15
N ARG D 68 -7.20 16.10 -32.95
CA ARG D 68 -8.27 15.77 -33.90
C ARG D 68 -9.40 15.01 -33.22
N MET D 69 -9.17 14.60 -31.98
CA MET D 69 -10.18 13.93 -31.18
C MET D 69 -11.07 14.92 -30.41
N GLU D 70 -10.42 15.87 -29.74
CA GLU D 70 -11.11 16.85 -28.91
C GLU D 70 -12.05 17.75 -29.71
N GLU D 71 -11.65 18.06 -30.95
CA GLU D 71 -12.46 18.86 -31.87
C GLU D 71 -13.74 18.11 -32.26
N ASP D 72 -13.61 16.81 -32.51
CA ASP D 72 -14.71 16.01 -33.02
C ASP D 72 -15.73 15.59 -31.95
N ILE D 73 -15.25 15.17 -30.79
CA ILE D 73 -16.13 14.66 -29.72
C ILE D 73 -16.98 15.75 -29.05
N LYS D 74 -16.59 17.00 -29.25
CA LYS D 74 -17.34 18.15 -28.73
C LYS D 74 -18.67 18.32 -29.46
N GLU D 75 -18.71 17.88 -30.72
CA GLU D 75 -19.92 17.93 -31.54
C GLU D 75 -20.86 16.73 -31.30
N LYS D 76 -20.47 15.86 -30.38
CA LYS D 76 -21.28 14.71 -30.00
C LYS D 76 -22.02 14.98 -28.69
N ALA D 77 -23.34 14.79 -28.72
CA ALA D 77 -24.22 15.20 -27.63
C ALA D 77 -24.16 14.33 -26.38
N THR D 78 -24.00 13.02 -26.57
CA THR D 78 -24.02 12.06 -25.45
C THR D 78 -22.67 11.37 -25.26
N ALA D 79 -22.45 10.84 -24.05
CA ALA D 79 -21.23 10.09 -23.72
C ALA D 79 -21.06 8.86 -24.60
N LYS D 80 -22.18 8.21 -24.94
CA LYS D 80 -22.18 7.05 -25.83
C LYS D 80 -21.62 7.41 -27.21
N GLU D 81 -22.09 8.53 -27.76
CA GLU D 81 -21.64 9.02 -29.06
C GLU D 81 -20.18 9.48 -29.03
N LYS D 82 -19.77 10.06 -27.91
CA LYS D 82 -18.38 10.48 -27.70
C LYS D 82 -17.46 9.26 -27.68
N LEU D 83 -17.87 8.22 -26.95
CA LEU D 83 -17.13 6.97 -26.89
C LEU D 83 -17.12 6.25 -28.24
N ALA D 84 -18.26 6.27 -28.94
CA ALA D 84 -18.37 5.70 -30.28
C ALA D 84 -17.33 6.29 -31.23
N LEU D 85 -17.15 7.61 -31.15
CA LEU D 85 -16.18 8.33 -31.97
C LEU D 85 -14.75 7.91 -31.64
N VAL D 86 -14.42 7.90 -30.35
CA VAL D 86 -13.08 7.53 -29.88
C VAL D 86 -12.66 6.14 -30.38
N ILE D 87 -13.57 5.17 -30.26
CA ILE D 87 -13.31 3.81 -30.75
C ILE D 87 -13.05 3.79 -32.26
N SER D 88 -13.93 4.43 -33.02
CA SER D 88 -13.85 4.46 -34.48
C SER D 88 -12.55 5.10 -34.99
N LYS D 89 -12.21 6.27 -34.44
CA LYS D 89 -10.97 6.97 -34.80
C LYS D 89 -9.72 6.19 -34.38
N HIS D 90 -9.78 5.52 -33.23
CA HIS D 90 -8.70 4.65 -32.75
C HIS D 90 -8.49 3.50 -33.72
N PHE D 91 -9.58 2.85 -34.10
CA PHE D 91 -9.55 1.72 -35.03
C PHE D 91 -9.15 2.15 -36.44
N SER D 92 -9.65 3.30 -36.88
CA SER D 92 -9.39 3.82 -38.23
C SER D 92 -7.93 4.21 -38.46
N LEU D 93 -7.32 4.87 -37.48
CA LEU D 93 -5.93 5.29 -37.57
C LEU D 93 -4.97 4.10 -37.72
N LEU D 94 -5.26 3.03 -36.97
CA LEU D 94 -4.39 1.85 -36.98
C LEU D 94 -4.67 0.94 -38.17
N ALA D 95 -5.90 0.96 -38.68
CA ALA D 95 -6.28 0.20 -39.87
C ALA D 95 -5.79 0.89 -41.15
N GLY D 96 -5.63 2.20 -41.08
CA GLY D 96 -5.13 2.99 -42.22
C GLY D 96 -3.66 2.75 -42.50
N ASP D 97 -2.87 2.60 -41.43
CA ASP D 97 -1.43 2.35 -41.56
C ASP D 97 -1.03 1.21 -40.63
N HIS D 98 -0.66 0.08 -41.23
CA HIS D 98 -0.31 -1.13 -40.48
C HIS D 98 0.99 -1.02 -39.69
N ASN D 99 1.88 -0.14 -40.14
CA ASN D 99 3.14 0.15 -39.43
C ASN D 99 2.90 0.81 -38.08
N LEU D 100 1.88 1.66 -38.01
CA LEU D 100 1.45 2.29 -36.76
C LEU D 100 0.97 1.24 -35.77
N ALA D 101 0.16 0.29 -36.25
CA ALA D 101 -0.40 -0.78 -35.43
C ALA D 101 0.67 -1.68 -34.81
N ILE D 102 1.70 -1.99 -35.59
CA ILE D 102 2.83 -2.79 -35.10
C ILE D 102 3.55 -2.04 -33.96
N VAL D 103 3.83 -0.76 -34.18
CA VAL D 103 4.52 0.07 -33.19
C VAL D 103 3.74 0.18 -31.87
N THR D 104 2.44 0.49 -31.95
CA THR D 104 1.61 0.67 -30.76
C THR D 104 1.37 -0.62 -29.97
N GLN D 105 1.15 -1.72 -30.70
CA GLN D 105 0.78 -2.99 -30.06
C GLN D 105 1.97 -3.86 -29.65
N LEU D 106 3.11 -3.66 -30.30
CA LEU D 106 4.29 -4.48 -30.04
C LEU D 106 5.53 -3.69 -29.63
N GLU D 107 5.97 -2.77 -30.48
CA GLU D 107 7.27 -2.12 -30.30
C GLU D 107 7.33 -1.12 -29.14
N LEU D 108 6.20 -0.52 -28.80
CA LEU D 108 6.12 0.41 -27.68
C LEU D 108 5.94 -0.27 -26.33
N ARG D 109 5.66 -1.57 -26.35
CA ARG D 109 5.44 -2.36 -25.14
C ARG D 109 6.78 -2.80 -24.52
N GLN D 110 7.49 -1.83 -23.96
CA GLN D 110 8.84 -2.06 -23.45
C GLN D 110 8.85 -2.47 -21.98
N SER D 111 9.63 -3.51 -21.68
CA SER D 111 9.70 -4.07 -20.33
C SER D 111 10.46 -3.18 -19.35
N ASN D 112 11.39 -2.38 -19.87
CA ASN D 112 12.14 -1.42 -19.04
C ASN D 112 11.19 -0.46 -18.34
N LEU D 113 11.17 -0.54 -17.00
CA LEU D 113 10.17 0.19 -16.20
C LEU D 113 10.20 1.69 -16.44
N GLU D 114 11.40 2.28 -16.46
CA GLU D 114 11.57 3.73 -16.63
C GLU D 114 11.19 4.21 -18.03
N LEU D 115 11.52 3.43 -19.05
CA LEU D 115 11.13 3.74 -20.43
C LEU D 115 9.61 3.66 -20.58
N ARG D 116 8.99 2.70 -19.89
CA ARG D 116 7.54 2.54 -19.88
C ARG D 116 6.86 3.74 -19.22
N GLN D 117 7.47 4.26 -18.15
CA GLN D 117 6.99 5.48 -17.47
C GLN D 117 6.85 6.64 -18.45
N LYS D 118 7.90 6.87 -19.23
CA LYS D 118 7.95 7.95 -20.21
C LYS D 118 6.94 7.75 -21.34
N ILE D 119 6.75 6.50 -21.75
CA ILE D 119 5.75 6.14 -22.75
C ILE D 119 4.33 6.36 -22.20
N ASN D 120 4.08 5.88 -20.99
CA ASN D 120 2.77 5.99 -20.36
C ASN D 120 2.35 7.43 -20.01
N GLU D 121 3.35 8.28 -19.81
CA GLU D 121 3.13 9.72 -19.59
C GLU D 121 2.40 10.34 -20.78
N ILE D 122 2.75 9.87 -21.98
CA ILE D 122 2.11 10.30 -23.22
C ILE D 122 0.72 9.68 -23.36
N LEU D 123 0.58 8.44 -22.90
CA LEU D 123 -0.70 7.74 -22.90
C LEU D 123 -1.77 8.44 -22.04
N LYS D 124 -1.31 9.13 -20.98
CA LYS D 124 -2.21 9.87 -20.08
C LYS D 124 -3.21 10.75 -20.82
N GLY D 125 -2.74 11.46 -21.84
CA GLY D 125 -3.57 12.36 -22.63
C GLY D 125 -4.77 11.68 -23.27
N TYR D 126 -4.53 10.48 -23.82
CA TYR D 126 -5.60 9.64 -24.38
C TYR D 126 -6.58 9.20 -23.29
N LEU D 127 -6.04 8.81 -22.15
CA LEU D 127 -6.84 8.32 -21.03
C LEU D 127 -7.63 9.44 -20.34
N ASN D 128 -7.07 10.65 -20.36
CA ASN D 128 -7.75 11.83 -19.81
C ASN D 128 -9.04 12.16 -20.54
N ILE D 129 -9.05 11.90 -21.85
CA ILE D 129 -10.26 12.07 -22.67
C ILE D 129 -11.35 11.12 -22.20
N LEU D 130 -10.98 9.87 -21.95
CA LEU D 130 -11.92 8.87 -21.44
C LEU D 130 -12.48 9.27 -20.07
N ASP D 131 -11.61 9.81 -19.20
CA ASP D 131 -12.03 10.30 -17.88
C ASP D 131 -13.05 11.43 -17.99
N GLY D 132 -12.82 12.36 -18.92
CA GLY D 132 -13.72 13.48 -19.17
C GLY D 132 -15.09 13.04 -19.64
N ILE D 133 -15.11 12.12 -20.61
CA ILE D 133 -16.35 11.53 -21.11
C ILE D 133 -17.13 10.88 -19.97
N LEU D 134 -16.43 10.14 -19.11
CA LEU D 134 -17.06 9.43 -18.00
C LEU D 134 -17.59 10.38 -16.92
N THR D 135 -16.77 11.34 -16.51
CA THR D 135 -17.16 12.29 -15.46
C THR D 135 -18.35 13.16 -15.87
N GLU D 136 -18.33 13.66 -17.10
CA GLU D 136 -19.45 14.46 -17.63
C GLU D 136 -20.71 13.62 -17.82
N GLY D 137 -20.53 12.35 -18.15
CA GLY D 137 -21.66 11.42 -18.32
C GLY D 137 -22.31 11.05 -17.00
N ILE D 138 -21.51 11.01 -15.93
CA ILE D 138 -22.00 10.77 -14.57
C ILE D 138 -22.86 11.96 -14.11
N GLN D 139 -22.40 13.17 -14.42
CA GLN D 139 -23.11 14.38 -14.01
C GLN D 139 -24.38 14.64 -14.81
N SER D 140 -24.45 14.12 -16.03
CA SER D 140 -25.65 14.24 -16.86
C SER D 140 -26.73 13.23 -16.46
N GLY D 141 -26.29 12.11 -15.89
CA GLY D 141 -27.19 11.02 -15.51
C GLY D 141 -27.09 9.83 -16.45
N GLU D 142 -26.35 9.99 -17.54
CA GLU D 142 -26.19 8.95 -18.56
C GLU D 142 -25.38 7.77 -18.05
N ILE D 143 -24.29 8.06 -17.34
CA ILE D 143 -23.38 7.04 -16.84
C ILE D 143 -23.70 6.72 -15.38
N LYS D 144 -23.55 5.45 -15.01
CA LYS D 144 -23.82 4.96 -13.65
C LYS D 144 -23.17 5.82 -12.58
N GLU D 145 -23.98 6.28 -11.64
CA GLU D 145 -23.47 6.95 -10.44
C GLU D 145 -22.83 5.89 -9.54
N GLY D 146 -21.70 6.25 -8.92
CA GLY D 146 -20.98 5.35 -8.02
C GLY D 146 -19.94 4.50 -8.73
N LEU D 147 -19.90 4.63 -10.06
CA LEU D 147 -18.93 3.93 -10.89
C LEU D 147 -17.54 4.55 -10.70
N ASP D 148 -16.53 3.68 -10.56
CA ASP D 148 -15.16 4.14 -10.41
C ASP D 148 -14.58 4.53 -11.77
N VAL D 149 -14.29 5.82 -11.92
CA VAL D 149 -13.78 6.40 -13.17
C VAL D 149 -12.50 5.73 -13.65
N ARG D 150 -11.57 5.48 -12.72
CA ARG D 150 -10.29 4.84 -13.04
C ARG D 150 -10.46 3.42 -13.59
N LEU D 151 -11.33 2.64 -12.95
CA LEU D 151 -11.62 1.27 -13.39
C LEU D 151 -12.33 1.24 -14.74
N ALA D 152 -13.31 2.12 -14.91
CA ALA D 152 -14.05 2.23 -16.17
C ALA D 152 -13.14 2.64 -17.31
N ARG D 153 -12.19 3.52 -17.03
CA ARG D 153 -11.14 3.94 -17.97
C ARG D 153 -10.27 2.75 -18.38
N GLN D 154 -9.86 1.96 -17.39
CA GLN D 154 -9.05 0.76 -17.62
C GLN D 154 -9.82 -0.28 -18.43
N MET D 155 -11.11 -0.41 -18.16
CA MET D 155 -12.00 -1.28 -18.91
C MET D 155 -12.07 -0.88 -20.39
N ILE D 156 -12.37 0.39 -20.65
CA ILE D 156 -12.52 0.91 -22.00
C ILE D 156 -11.24 0.77 -22.82
N PHE D 157 -10.14 1.29 -22.29
CA PHE D 157 -8.86 1.21 -22.97
C PHE D 157 -8.42 -0.24 -23.15
N GLY D 158 -8.52 -1.02 -22.07
CA GLY D 158 -8.13 -2.43 -22.10
C GLY D 158 -8.87 -3.23 -23.14
N THR D 159 -10.16 -2.95 -23.28
CA THR D 159 -11.02 -3.62 -24.26
C THR D 159 -10.66 -3.22 -25.68
N ILE D 160 -10.52 -1.91 -25.92
CA ILE D 160 -10.13 -1.39 -27.23
C ILE D 160 -8.75 -1.92 -27.63
N ASP D 161 -7.82 -1.87 -26.69
CA ASP D 161 -6.43 -2.28 -26.91
C ASP D 161 -6.28 -3.76 -27.25
N GLU D 162 -6.97 -4.63 -26.52
CA GLU D 162 -6.89 -6.08 -26.73
C GLU D 162 -7.51 -6.48 -28.07
N THR D 163 -8.57 -5.78 -28.47
CA THR D 163 -9.21 -5.99 -29.76
C THR D 163 -8.21 -5.73 -30.90
N VAL D 164 -7.42 -4.66 -30.75
CA VAL D 164 -6.41 -4.31 -31.75
C VAL D 164 -5.25 -5.31 -31.75
N THR D 165 -4.78 -5.71 -30.56
CA THR D 165 -3.69 -6.68 -30.45
C THR D 165 -4.03 -8.01 -31.12
N THR D 166 -5.25 -8.50 -30.86
CA THR D 166 -5.77 -9.72 -31.48
C THR D 166 -5.80 -9.60 -33.01
N TRP D 167 -6.27 -8.44 -33.47
CA TRP D 167 -6.30 -8.09 -34.88
C TRP D 167 -4.90 -8.06 -35.51
N VAL D 168 -3.93 -7.56 -34.76
CA VAL D 168 -2.53 -7.52 -35.20
C VAL D 168 -1.95 -8.95 -35.28
N MET D 169 -2.23 -9.76 -34.26
CA MET D 169 -1.74 -11.15 -34.21
C MET D 169 -2.37 -12.04 -35.29
N ASN D 170 -3.54 -11.63 -35.77
CA ASN D 170 -4.19 -12.31 -36.90
C ASN D 170 -3.81 -11.67 -38.25
N ASP D 171 -2.71 -10.92 -38.24
CA ASP D 171 -2.15 -10.27 -39.44
C ASP D 171 -3.13 -9.34 -40.16
N GLN D 172 -3.92 -8.62 -39.36
CA GLN D 172 -4.87 -7.62 -39.87
C GLN D 172 -5.77 -8.18 -40.98
N LYS D 173 -6.23 -9.41 -40.80
CA LYS D 173 -6.99 -10.12 -41.83
C LYS D 173 -8.45 -9.66 -41.93
N TYR D 174 -8.99 -9.17 -40.81
CA TYR D 174 -10.39 -8.75 -40.76
C TYR D 174 -10.60 -7.26 -40.55
N ASP D 175 -11.83 -6.80 -40.82
CA ASP D 175 -12.19 -5.39 -40.73
C ASP D 175 -12.28 -4.93 -39.27
N LEU D 176 -11.27 -4.19 -38.83
CA LEU D 176 -11.21 -3.70 -37.44
C LEU D 176 -12.24 -2.60 -37.21
N VAL D 177 -12.35 -1.66 -38.16
CA VAL D 177 -13.23 -0.50 -38.05
C VAL D 177 -14.70 -0.90 -37.92
N ALA D 178 -15.09 -1.98 -38.59
CA ALA D 178 -16.47 -2.49 -38.55
C ALA D 178 -16.89 -3.00 -37.17
N LEU D 179 -15.90 -3.31 -36.32
CA LEU D 179 -16.16 -3.81 -34.98
C LEU D 179 -16.52 -2.70 -33.98
N SER D 180 -16.32 -1.45 -34.38
CA SER D 180 -16.46 -0.29 -33.50
C SER D 180 -17.75 -0.29 -32.67
N ASN D 181 -18.89 -0.45 -33.35
CA ASN D 181 -20.20 -0.43 -32.70
C ASN D 181 -20.40 -1.59 -31.73
N SER D 182 -19.93 -2.77 -32.12
CA SER D 182 -20.03 -3.96 -31.29
C SER D 182 -19.22 -3.82 -29.99
N VAL D 183 -18.03 -3.24 -30.11
CA VAL D 183 -17.18 -2.95 -28.95
C VAL D 183 -17.87 -1.94 -28.03
N LEU D 184 -18.50 -0.93 -28.64
CA LEU D 184 -19.24 0.10 -27.91
C LEU D 184 -20.39 -0.46 -27.07
N GLU D 185 -21.22 -1.30 -27.69
CA GLU D 185 -22.39 -1.88 -27.03
C GLU D 185 -22.01 -2.75 -25.82
N LEU D 186 -20.92 -3.51 -25.95
CA LEU D 186 -20.39 -4.32 -24.87
C LEU D 186 -19.91 -3.47 -23.69
N LEU D 187 -19.25 -2.35 -24.01
CA LEU D 187 -18.79 -1.42 -22.98
C LEU D 187 -19.94 -0.66 -22.32
N VAL D 188 -20.98 -0.38 -23.11
CA VAL D 188 -22.13 0.39 -22.65
C VAL D 188 -23.09 -0.47 -21.81
N SER D 189 -23.39 -1.67 -22.29
CA SER D 189 -24.42 -2.53 -21.68
C SER D 189 -23.90 -3.78 -20.98
N GLY D 190 -22.63 -4.12 -21.20
CA GLY D 190 -22.06 -5.33 -20.60
C GLY D 190 -22.44 -6.60 -21.34
N ILE D 191 -22.11 -7.74 -20.74
CA ILE D 191 -22.32 -9.04 -21.38
C ILE D 191 -23.61 -9.76 -20.98
N HIS D 192 -24.20 -9.36 -19.84
CA HIS D 192 -25.38 -10.04 -19.30
C HIS D 192 -26.70 -9.37 -19.70
N ASN D 193 -27.81 -10.04 -19.38
CA ASN D 193 -29.15 -9.52 -19.64
C ASN D 193 -29.68 -8.65 -18.49
N LYS E 4 8.60 9.86 7.83
CA LYS E 4 7.38 9.75 8.68
C LYS E 4 6.19 10.46 8.06
N ARG E 5 6.46 11.63 7.47
CA ARG E 5 5.42 12.47 6.85
C ARG E 5 4.63 11.78 5.73
N PRO E 6 5.31 11.09 4.77
CA PRO E 6 4.56 10.34 3.76
C PRO E 6 3.63 9.28 4.36
N LYS E 7 4.10 8.58 5.38
CA LYS E 7 3.30 7.55 6.07
C LYS E 7 2.13 8.17 6.83
N TYR E 8 2.35 9.36 7.39
CA TYR E 8 1.30 10.13 8.05
C TYR E 8 0.19 10.52 7.06
N MET E 9 0.60 10.98 5.87
CA MET E 9 -0.34 11.42 4.85
C MET E 9 -1.14 10.26 4.25
N GLN E 10 -0.50 9.11 4.10
CA GLN E 10 -1.14 7.89 3.61
C GLN E 10 -2.28 7.42 4.54
N ILE E 11 -2.05 7.55 5.84
CA ILE E 11 -3.08 7.26 6.84
C ILE E 11 -4.22 8.27 6.77
N ILE E 12 -3.88 9.55 6.59
CA ILE E 12 -4.86 10.62 6.41
C ILE E 12 -5.75 10.38 5.19
N ASP E 13 -5.13 10.03 4.05
CA ASP E 13 -5.86 9.72 2.82
C ASP E 13 -6.77 8.51 2.98
N ALA E 14 -6.24 7.45 3.60
CA ALA E 14 -7.01 6.25 3.91
C ALA E 14 -8.19 6.56 4.82
N ALA E 15 -7.94 7.43 5.81
CA ALA E 15 -8.97 7.88 6.74
C ALA E 15 -10.13 8.59 6.04
N VAL E 16 -9.78 9.48 5.10
CA VAL E 16 -10.77 10.18 4.27
C VAL E 16 -11.69 9.18 3.55
N GLU E 17 -11.08 8.14 2.99
CA GLU E 17 -11.81 7.12 2.22
C GLU E 17 -12.73 6.26 3.10
N VAL E 18 -12.24 5.87 4.27
CA VAL E 18 -13.01 5.07 5.22
C VAL E 18 -14.20 5.85 5.82
N ILE E 19 -13.95 7.11 6.18
CA ILE E 19 -14.97 7.96 6.80
C ILE E 19 -16.08 8.34 5.81
N ALA E 20 -15.71 8.63 4.57
CA ALA E 20 -16.69 8.98 3.53
C ALA E 20 -17.55 7.80 3.08
N GLU E 21 -16.99 6.60 3.14
CA GLU E 21 -17.68 5.38 2.69
C GLU E 21 -18.53 4.76 3.79
N ASN E 22 -17.97 4.65 4.99
CA ASN E 22 -18.64 3.97 6.11
C ASN E 22 -19.37 4.92 7.07
N GLY E 23 -18.95 6.17 7.11
CA GLY E 23 -19.43 7.12 8.11
C GLY E 23 -18.51 7.09 9.32
N TYR E 24 -18.36 8.25 9.96
CA TYR E 24 -17.40 8.41 11.06
C TYR E 24 -17.60 7.41 12.20
N HIS E 25 -18.85 7.16 12.59
CA HIS E 25 -19.16 6.28 13.71
C HIS E 25 -18.94 4.80 13.41
N GLN E 26 -18.83 4.47 12.12
CA GLN E 26 -18.44 3.13 11.70
C GLN E 26 -17.05 3.14 11.04
N SER E 27 -16.17 4.00 11.56
CA SER E 27 -14.82 4.17 10.99
C SER E 27 -13.71 3.97 12.04
N GLN E 28 -13.71 2.79 12.66
CA GLN E 28 -12.72 2.46 13.70
C GLN E 28 -11.30 2.39 13.16
N VAL E 29 -10.34 2.43 14.08
CA VAL E 29 -8.91 2.37 13.77
C VAL E 29 -8.55 1.19 12.87
N SER E 30 -9.09 0.02 13.18
CA SER E 30 -8.82 -1.22 12.43
C SER E 30 -9.17 -1.12 10.94
N LYS E 31 -10.31 -0.50 10.66
CA LYS E 31 -10.79 -0.34 9.28
C LYS E 31 -9.93 0.65 8.49
N ILE E 32 -9.43 1.68 9.17
CA ILE E 32 -8.52 2.65 8.57
C ILE E 32 -7.15 2.01 8.34
N ALA E 33 -6.72 1.20 9.30
CA ALA E 33 -5.45 0.46 9.22
C ALA E 33 -5.44 -0.50 8.02
N LYS E 34 -6.53 -1.22 7.83
CA LYS E 34 -6.68 -2.15 6.70
C LYS E 34 -6.68 -1.43 5.36
N GLN E 35 -7.38 -0.29 5.29
CA GLN E 35 -7.42 0.54 4.09
C GLN E 35 -6.03 1.10 3.77
N ALA E 36 -5.27 1.47 4.80
CA ALA E 36 -3.90 1.98 4.65
C ALA E 36 -2.89 0.85 4.42
N GLY E 37 -3.30 -0.39 4.66
CA GLY E 37 -2.44 -1.56 4.48
C GLY E 37 -1.40 -1.71 5.58
N VAL E 38 -1.71 -1.19 6.76
CA VAL E 38 -0.79 -1.24 7.90
C VAL E 38 -1.46 -1.90 9.12
N ALA E 39 -0.65 -2.25 10.11
CA ALA E 39 -1.16 -2.79 11.37
C ALA E 39 -1.75 -1.67 12.23
N ASP E 40 -2.63 -2.04 13.17
CA ASP E 40 -3.27 -1.08 14.07
C ASP E 40 -2.25 -0.25 14.85
N GLY E 41 -1.15 -0.90 15.27
CA GLY E 41 -0.07 -0.24 16.00
C GLY E 41 0.57 0.93 15.26
N THR E 42 0.63 0.82 13.93
CA THR E 42 1.15 1.89 13.07
C THR E 42 0.28 3.15 13.18
N ILE E 43 -1.04 2.96 13.24
CA ILE E 43 -1.98 4.07 13.42
C ILE E 43 -1.77 4.74 14.78
N TYR E 44 -1.70 3.92 15.83
CA TYR E 44 -1.57 4.42 17.21
C TYR E 44 -0.26 5.17 17.48
N LEU E 45 0.74 4.95 16.63
CA LEU E 45 1.99 5.71 16.69
C LEU E 45 1.83 7.15 16.21
N TYR E 46 0.81 7.41 15.40
CA TYR E 46 0.53 8.74 14.88
C TYR E 46 -0.72 9.37 15.48
N PHE E 47 -1.61 8.54 16.01
CA PHE E 47 -2.90 9.00 16.53
C PHE E 47 -3.30 8.28 17.80
N LYS E 48 -4.02 8.99 18.68
CA LYS E 48 -4.53 8.41 19.91
C LYS E 48 -5.75 7.53 19.62
N ASN E 49 -6.64 8.03 18.77
CA ASN E 49 -7.92 7.36 18.47
C ASN E 49 -8.57 7.85 17.18
N LYS E 50 -9.78 7.36 16.93
CA LYS E 50 -10.60 7.73 15.78
C LYS E 50 -10.89 9.25 15.74
N GLU E 51 -11.09 9.85 16.90
CA GLU E 51 -11.37 11.29 17.02
C GLU E 51 -10.16 12.13 16.65
N ASP E 52 -8.99 11.71 17.14
CA ASP E 52 -7.71 12.33 16.79
C ASP E 52 -7.51 12.34 15.27
N ILE E 53 -7.89 11.24 14.61
CA ILE E 53 -7.76 11.10 13.16
C ILE E 53 -8.65 12.11 12.43
N LEU E 54 -9.93 12.20 12.84
CA LEU E 54 -10.89 13.11 12.22
C LEU E 54 -10.44 14.57 12.29
N ILE E 55 -9.94 14.97 13.45
CA ILE E 55 -9.46 16.34 13.67
C ILE E 55 -8.22 16.64 12.82
N SER E 56 -7.22 15.76 12.91
CA SER E 56 -5.96 15.92 12.17
C SER E 56 -6.19 15.92 10.66
N LEU E 57 -7.06 15.03 10.20
CA LEU E 57 -7.52 14.98 8.82
C LEU E 57 -8.01 16.35 8.34
N PHE E 58 -8.91 16.95 9.10
CA PHE E 58 -9.48 18.26 8.78
C PHE E 58 -8.42 19.35 8.87
N LYS E 59 -7.57 19.26 9.89
CA LYS E 59 -6.47 20.20 10.09
C LYS E 59 -5.51 20.21 8.89
N GLU E 60 -5.14 19.01 8.44
CA GLU E 60 -4.19 18.85 7.33
C GLU E 60 -4.73 19.42 6.03
N LYS E 61 -5.92 18.98 5.63
CA LYS E 61 -6.53 19.38 4.36
C LYS E 61 -6.92 20.86 4.33
N MET E 62 -7.33 21.40 5.48
CA MET E 62 -7.67 22.82 5.58
C MET E 62 -6.40 23.68 5.46
N GLY E 63 -5.33 23.25 6.12
CA GLY E 63 -4.04 23.91 6.05
C GLY E 63 -3.53 24.05 4.62
N GLN E 64 -3.67 22.98 3.85
CA GLN E 64 -3.31 22.98 2.43
C GLN E 64 -4.21 23.93 1.64
N PHE E 65 -5.49 23.92 1.96
CA PHE E 65 -6.47 24.77 1.30
C PHE E 65 -6.20 26.26 1.55
N ILE E 66 -5.95 26.60 2.81
CA ILE E 66 -5.68 27.98 3.23
C ILE E 66 -4.43 28.53 2.52
N GLU E 67 -3.34 27.77 2.56
CA GLU E 67 -2.07 28.18 1.95
C GLU E 67 -2.23 28.48 0.46
N ARG E 68 -2.87 27.56 -0.27
CA ARG E 68 -3.13 27.74 -1.69
C ARG E 68 -4.08 28.90 -1.96
N MET E 69 -5.09 29.04 -1.10
CA MET E 69 -6.08 30.11 -1.23
C MET E 69 -5.46 31.50 -1.11
N GLU E 70 -4.71 31.71 -0.03
CA GLU E 70 -4.10 33.02 0.27
C GLU E 70 -3.16 33.51 -0.83
N GLU E 71 -2.37 32.59 -1.38
CA GLU E 71 -1.46 32.91 -2.48
C GLU E 71 -2.22 33.21 -3.77
N ASP E 72 -3.34 32.51 -3.98
CA ASP E 72 -4.18 32.69 -5.16
C ASP E 72 -4.92 34.03 -5.16
N ILE E 73 -5.48 34.40 -4.01
CA ILE E 73 -6.26 35.64 -3.89
C ILE E 73 -5.40 36.89 -3.84
N LYS E 74 -4.09 36.70 -3.62
CA LYS E 74 -3.13 37.79 -3.59
C LYS E 74 -2.91 38.40 -4.98
N GLU E 75 -3.25 37.63 -6.01
CA GLU E 75 -3.11 38.06 -7.40
C GLU E 75 -4.29 38.94 -7.85
N LYS E 76 -5.42 38.79 -7.16
CA LYS E 76 -6.62 39.57 -7.46
C LYS E 76 -6.67 40.86 -6.64
N ALA E 77 -7.23 41.91 -7.23
CA ALA E 77 -7.20 43.26 -6.63
C ALA E 77 -8.40 43.60 -5.75
N THR E 78 -9.61 43.36 -6.27
CA THR E 78 -10.84 43.75 -5.59
C THR E 78 -11.37 42.66 -4.66
N ALA E 79 -12.19 43.07 -3.69
CA ALA E 79 -12.84 42.15 -2.76
C ALA E 79 -13.78 41.18 -3.50
N LYS E 80 -14.43 41.68 -4.55
CA LYS E 80 -15.29 40.86 -5.41
C LYS E 80 -14.51 39.75 -6.10
N GLU E 81 -13.34 40.11 -6.65
CA GLU E 81 -12.48 39.15 -7.36
C GLU E 81 -11.88 38.09 -6.42
N LYS E 82 -11.51 38.52 -5.21
CA LYS E 82 -10.99 37.61 -4.19
C LYS E 82 -12.05 36.60 -3.74
N LEU E 83 -13.25 37.10 -3.49
CA LEU E 83 -14.37 36.26 -3.07
C LEU E 83 -14.81 35.31 -4.17
N ALA E 84 -14.79 35.78 -5.41
CA ALA E 84 -15.08 34.94 -6.58
C ALA E 84 -14.14 33.73 -6.61
N LEU E 85 -12.88 33.95 -6.27
CA LEU E 85 -11.88 32.89 -6.24
C LEU E 85 -12.08 31.97 -5.04
N VAL E 86 -12.45 32.54 -3.91
CA VAL E 86 -12.76 31.75 -2.71
C VAL E 86 -13.89 30.77 -3.00
N ILE E 87 -15.00 31.29 -3.51
CA ILE E 87 -16.18 30.48 -3.84
C ILE E 87 -15.83 29.37 -4.83
N SER E 88 -15.15 29.73 -5.92
CA SER E 88 -14.80 28.78 -6.98
C SER E 88 -13.88 27.65 -6.50
N LYS E 89 -12.81 28.02 -5.79
CA LYS E 89 -11.86 27.02 -5.26
C LYS E 89 -12.48 26.16 -4.17
N HIS E 90 -13.38 26.74 -3.38
CA HIS E 90 -14.16 26.00 -2.39
C HIS E 90 -15.01 24.94 -3.08
N PHE E 91 -15.78 25.37 -4.08
CA PHE E 91 -16.61 24.45 -4.87
C PHE E 91 -15.76 23.42 -5.62
N SER E 92 -14.68 23.88 -6.26
CA SER E 92 -13.82 23.02 -7.09
C SER E 92 -13.18 21.87 -6.31
N LEU E 93 -12.66 22.16 -5.13
CA LEU E 93 -12.04 21.15 -4.29
C LEU E 93 -13.03 20.04 -3.92
N LEU E 94 -14.23 20.43 -3.54
CA LEU E 94 -15.25 19.47 -3.11
C LEU E 94 -15.92 18.74 -4.28
N ALA E 95 -16.01 19.42 -5.42
CA ALA E 95 -16.55 18.80 -6.65
C ALA E 95 -15.57 17.81 -7.27
N GLY E 96 -14.27 18.09 -7.11
CA GLY E 96 -13.21 17.25 -7.65
C GLY E 96 -13.07 15.92 -6.94
N ASP E 97 -13.36 15.93 -5.64
CA ASP E 97 -13.32 14.73 -4.82
C ASP E 97 -14.53 14.68 -3.89
N HIS E 98 -15.50 13.84 -4.28
CA HIS E 98 -16.77 13.71 -3.58
C HIS E 98 -16.64 13.13 -2.17
N ASN E 99 -15.55 12.40 -1.93
CA ASN E 99 -15.24 11.92 -0.58
C ASN E 99 -14.99 13.07 0.39
N LEU E 100 -14.31 14.12 -0.09
CA LEU E 100 -14.06 15.32 0.72
C LEU E 100 -15.38 15.99 1.10
N ALA E 101 -16.29 16.12 0.13
CA ALA E 101 -17.60 16.75 0.33
C ALA E 101 -18.43 16.05 1.41
N ILE E 102 -18.45 14.72 1.37
CA ILE E 102 -19.15 13.91 2.37
C ILE E 102 -18.59 14.14 3.78
N VAL E 103 -17.25 14.17 3.88
CA VAL E 103 -16.58 14.44 5.17
C VAL E 103 -16.88 15.86 5.68
N THR E 104 -16.81 16.84 4.79
CA THR E 104 -17.02 18.25 5.17
C THR E 104 -18.47 18.59 5.49
N GLN E 105 -19.40 18.09 4.68
CA GLN E 105 -20.82 18.45 4.82
C GLN E 105 -21.59 17.56 5.79
N LEU E 106 -21.11 16.35 6.02
CA LEU E 106 -21.85 15.37 6.82
C LEU E 106 -21.07 14.83 8.01
N GLU E 107 -19.84 14.36 7.77
CA GLU E 107 -19.11 13.60 8.78
C GLU E 107 -18.43 14.45 9.86
N LEU E 108 -18.06 15.68 9.51
CA LEU E 108 -17.45 16.60 10.48
C LEU E 108 -18.46 17.36 11.32
N ARG E 109 -19.75 17.09 11.09
CA ARG E 109 -20.82 17.74 11.83
C ARG E 109 -21.16 16.92 13.08
N GLN E 110 -20.39 17.12 14.15
CA GLN E 110 -20.58 16.36 15.39
C GLN E 110 -21.39 17.14 16.42
N SER E 111 -22.25 16.44 17.14
CA SER E 111 -23.16 17.06 18.11
C SER E 111 -22.46 17.34 19.45
N ASN E 112 -21.38 16.63 19.72
CA ASN E 112 -20.58 16.88 20.92
C ASN E 112 -19.95 18.26 20.83
N LEU E 113 -20.28 19.11 21.80
CA LEU E 113 -19.87 20.51 21.82
C LEU E 113 -18.36 20.68 21.93
N GLU E 114 -17.73 19.86 22.77
CA GLU E 114 -16.28 19.91 23.00
C GLU E 114 -15.49 19.57 21.72
N LEU E 115 -15.90 18.50 21.04
CA LEU E 115 -15.28 18.08 19.79
C LEU E 115 -15.54 19.07 18.66
N ARG E 116 -16.76 19.61 18.63
CA ARG E 116 -17.12 20.63 17.65
C ARG E 116 -16.27 21.90 17.81
N GLN E 117 -16.00 22.28 19.06
CA GLN E 117 -15.10 23.40 19.37
C GLN E 117 -13.72 23.18 18.76
N LYS E 118 -13.20 21.95 18.87
CA LYS E 118 -11.91 21.58 18.30
C LYS E 118 -11.92 21.64 16.77
N ILE E 119 -13.01 21.16 16.18
CA ILE E 119 -13.20 21.19 14.73
C ILE E 119 -13.29 22.64 14.22
N ASN E 120 -14.09 23.45 14.90
CA ASN E 120 -14.27 24.86 14.54
C ASN E 120 -13.02 25.73 14.73
N GLU E 121 -12.09 25.25 15.57
CA GLU E 121 -10.81 25.92 15.76
C GLU E 121 -10.02 25.94 14.46
N ILE E 122 -10.12 24.85 13.71
CA ILE E 122 -9.47 24.71 12.40
C ILE E 122 -10.18 25.56 11.35
N LEU E 123 -11.49 25.71 11.52
CA LEU E 123 -12.32 26.53 10.63
C LEU E 123 -11.95 28.03 10.69
N LYS E 124 -11.36 28.45 11.81
CA LYS E 124 -10.97 29.85 12.02
C LYS E 124 -10.09 30.41 10.91
N GLY E 125 -9.13 29.61 10.46
CA GLY E 125 -8.20 30.01 9.40
C GLY E 125 -8.88 30.37 8.10
N TYR E 126 -9.95 29.64 7.76
CA TYR E 126 -10.75 29.89 6.57
C TYR E 126 -11.53 31.19 6.69
N LEU E 127 -12.18 31.37 7.84
CA LEU E 127 -13.04 32.53 8.09
C LEU E 127 -12.26 33.83 8.23
N ASN E 128 -11.04 33.74 8.76
CA ASN E 128 -10.16 34.89 8.90
C ASN E 128 -9.72 35.44 7.54
N ILE E 129 -9.62 34.57 6.55
CA ILE E 129 -9.38 34.98 5.16
C ILE E 129 -10.54 35.86 4.68
N LEU E 130 -11.77 35.46 5.00
CA LEU E 130 -12.95 36.24 4.65
C LEU E 130 -12.96 37.60 5.33
N ASP E 131 -12.54 37.63 6.60
CA ASP E 131 -12.41 38.88 7.36
C ASP E 131 -11.44 39.85 6.70
N GLY E 132 -10.33 39.31 6.19
CA GLY E 132 -9.32 40.09 5.48
C GLY E 132 -9.86 40.71 4.21
N ILE E 133 -10.59 39.92 3.43
CA ILE E 133 -11.22 40.38 2.19
C ILE E 133 -12.24 41.48 2.48
N LEU E 134 -13.00 41.32 3.56
CA LEU E 134 -14.03 42.29 3.94
C LEU E 134 -13.44 43.59 4.51
N THR E 135 -12.44 43.47 5.38
CA THR E 135 -11.80 44.64 5.99
C THR E 135 -11.08 45.52 4.96
N GLU E 136 -10.42 44.89 4.00
CA GLU E 136 -9.73 45.61 2.91
C GLU E 136 -10.71 46.34 2.00
N GLY E 137 -11.88 45.74 1.79
CA GLY E 137 -12.93 46.33 0.96
C GLY E 137 -13.58 47.56 1.57
N ILE E 138 -13.66 47.57 2.90
CA ILE E 138 -14.20 48.71 3.64
C ILE E 138 -13.24 49.90 3.54
N GLN E 139 -11.95 49.63 3.76
CA GLN E 139 -10.91 50.66 3.69
C GLN E 139 -10.75 51.25 2.30
N SER E 140 -10.99 50.43 1.26
CA SER E 140 -10.93 50.89 -0.12
C SER E 140 -12.23 51.59 -0.55
N GLY E 141 -13.31 51.32 0.18
CA GLY E 141 -14.62 51.89 -0.12
C GLY E 141 -15.49 50.97 -0.97
N GLU E 142 -14.91 49.85 -1.39
CA GLU E 142 -15.61 48.85 -2.20
C GLU E 142 -16.79 48.25 -1.44
N ILE E 143 -16.51 47.69 -0.27
CA ILE E 143 -17.53 47.16 0.63
C ILE E 143 -18.26 48.34 1.31
N LYS E 144 -19.52 48.12 1.67
CA LYS E 144 -20.33 49.13 2.33
C LYS E 144 -19.79 49.48 3.72
N GLU E 145 -19.63 50.78 3.97
CA GLU E 145 -19.17 51.27 5.27
C GLU E 145 -20.25 51.08 6.34
N GLY E 146 -19.83 50.61 7.51
CA GLY E 146 -20.76 50.33 8.60
C GLY E 146 -21.20 48.87 8.65
N LEU E 147 -20.52 48.05 7.85
CA LEU E 147 -20.81 46.62 7.76
C LEU E 147 -20.35 45.90 9.04
N ASP E 148 -21.19 45.00 9.54
CA ASP E 148 -20.78 44.11 10.61
C ASP E 148 -19.98 42.98 9.98
N VAL E 149 -18.66 43.04 10.15
CA VAL E 149 -17.73 42.09 9.52
C VAL E 149 -18.02 40.65 9.94
N ARG E 150 -18.32 40.46 11.23
CA ARG E 150 -18.64 39.14 11.77
C ARG E 150 -19.89 38.53 11.12
N LEU E 151 -20.95 39.33 11.01
CA LEU E 151 -22.19 38.88 10.37
C LEU E 151 -22.01 38.63 8.88
N ALA E 152 -21.27 39.52 8.21
CA ALA E 152 -20.99 39.36 6.78
C ALA E 152 -20.22 38.08 6.48
N ARG E 153 -19.25 37.75 7.33
CA ARG E 153 -18.47 36.52 7.15
C ARG E 153 -19.33 35.27 7.43
N GLN E 154 -20.29 35.41 8.33
CA GLN E 154 -21.24 34.35 8.63
C GLN E 154 -22.20 34.14 7.45
N MET E 155 -22.58 35.24 6.81
CA MET E 155 -23.41 35.19 5.61
C MET E 155 -22.66 34.52 4.45
N ILE E 156 -21.44 35.00 4.18
CA ILE E 156 -20.62 34.45 3.10
C ILE E 156 -20.40 32.94 3.28
N PHE E 157 -19.91 32.54 4.45
CA PHE E 157 -19.64 31.13 4.72
C PHE E 157 -20.90 30.27 4.73
N GLY E 158 -21.94 30.76 5.40
CA GLY E 158 -23.22 30.05 5.47
C GLY E 158 -23.85 29.79 4.10
N THR E 159 -23.73 30.76 3.21
CA THR E 159 -24.26 30.67 1.85
C THR E 159 -23.49 29.62 1.04
N ILE E 160 -22.17 29.74 1.03
CA ILE E 160 -21.30 28.77 0.35
C ILE E 160 -21.55 27.35 0.90
N ASP E 161 -21.58 27.23 2.23
CA ASP E 161 -21.76 25.94 2.89
C ASP E 161 -23.09 25.27 2.57
N GLU E 162 -24.18 26.04 2.64
CA GLU E 162 -25.51 25.51 2.37
C GLU E 162 -25.66 25.03 0.94
N THR E 163 -25.03 25.77 0.01
CA THR E 163 -25.01 25.40 -1.39
C THR E 163 -24.40 24.01 -1.57
N VAL E 164 -23.26 23.76 -0.93
CA VAL E 164 -22.57 22.47 -1.03
C VAL E 164 -23.42 21.35 -0.41
N THR E 165 -24.00 21.61 0.76
CA THR E 165 -24.83 20.62 1.46
C THR E 165 -26.04 20.19 0.62
N THR E 166 -26.69 21.16 -0.02
CA THR E 166 -27.84 20.91 -0.90
C THR E 166 -27.40 20.07 -2.10
N TRP E 167 -26.22 20.41 -2.64
CA TRP E 167 -25.59 19.68 -3.73
C TRP E 167 -25.26 18.24 -3.31
N VAL E 168 -24.80 18.07 -2.08
CA VAL E 168 -24.47 16.74 -1.55
C VAL E 168 -25.73 15.88 -1.34
N MET E 169 -26.74 16.47 -0.71
CA MET E 169 -27.99 15.77 -0.43
C MET E 169 -28.76 15.44 -1.71
N ASN E 170 -28.48 16.18 -2.78
CA ASN E 170 -29.05 15.89 -4.10
C ASN E 170 -28.14 14.99 -4.94
N ASP E 171 -27.30 14.22 -4.25
CA ASP E 171 -26.40 13.23 -4.87
C ASP E 171 -25.51 13.80 -5.97
N GLN E 172 -25.11 15.07 -5.82
CA GLN E 172 -24.20 15.76 -6.75
C GLN E 172 -24.71 15.73 -8.21
N LYS E 173 -26.02 15.84 -8.37
CA LYS E 173 -26.69 15.66 -9.68
C LYS E 173 -26.38 16.79 -10.67
N TYR E 174 -26.12 17.98 -10.15
CA TYR E 174 -25.85 19.15 -11.00
C TYR E 174 -24.44 19.69 -10.83
N ASP E 175 -24.04 20.59 -11.73
CA ASP E 175 -22.71 21.20 -11.70
C ASP E 175 -22.60 22.24 -10.58
N LEU E 176 -21.78 21.92 -9.58
CA LEU E 176 -21.57 22.81 -8.43
C LEU E 176 -20.73 24.04 -8.77
N VAL E 177 -19.63 23.81 -9.48
CA VAL E 177 -18.68 24.87 -9.85
C VAL E 177 -19.31 25.93 -10.77
N ALA E 178 -20.27 25.52 -11.60
CA ALA E 178 -20.94 26.44 -12.52
C ALA E 178 -21.85 27.45 -11.80
N LEU E 179 -22.14 27.18 -10.53
CA LEU E 179 -22.97 28.07 -9.72
C LEU E 179 -22.16 29.17 -9.04
N SER E 180 -20.84 29.10 -9.17
CA SER E 180 -19.89 30.03 -8.52
C SER E 180 -20.24 31.50 -8.71
N ASN E 181 -20.42 31.92 -9.95
CA ASN E 181 -20.73 33.31 -10.29
C ASN E 181 -22.05 33.79 -9.68
N SER E 182 -23.06 32.93 -9.73
CA SER E 182 -24.39 33.24 -9.20
C SER E 182 -24.38 33.44 -7.68
N VAL E 183 -23.66 32.57 -6.98
CA VAL E 183 -23.47 32.70 -5.54
C VAL E 183 -22.82 34.06 -5.21
N LEU E 184 -21.75 34.37 -5.92
CA LEU E 184 -21.03 35.65 -5.76
C LEU E 184 -21.95 36.85 -5.91
N GLU E 185 -22.74 36.87 -6.98
CA GLU E 185 -23.64 37.99 -7.27
C GLU E 185 -24.70 38.20 -6.18
N LEU E 186 -25.26 37.09 -5.69
CA LEU E 186 -26.24 37.12 -4.62
C LEU E 186 -25.66 37.73 -3.34
N LEU E 187 -24.43 37.34 -3.01
CA LEU E 187 -23.76 37.82 -1.81
C LEU E 187 -23.35 39.28 -1.92
N VAL E 188 -23.01 39.71 -3.13
CA VAL E 188 -22.52 41.06 -3.38
C VAL E 188 -23.65 42.09 -3.51
N SER E 189 -24.70 41.74 -4.25
CA SER E 189 -25.77 42.68 -4.58
C SER E 189 -27.06 42.48 -3.78
N GLY E 190 -27.25 41.29 -3.23
CA GLY E 190 -28.46 40.97 -2.48
C GLY E 190 -29.61 40.59 -3.40
N ILE E 191 -30.81 40.46 -2.81
CA ILE E 191 -31.98 40.00 -3.56
C ILE E 191 -32.89 41.13 -4.06
N HIS E 192 -32.70 42.33 -3.54
CA HIS E 192 -33.54 43.49 -3.92
C HIS E 192 -33.21 44.02 -5.31
N ASN E 193 -34.18 44.68 -5.92
CA ASN E 193 -34.04 45.24 -7.27
C ASN E 193 -33.26 46.56 -7.26
N LYS F 7 -50.64 12.90 26.85
CA LYS F 7 -49.29 12.51 27.36
C LYS F 7 -48.21 12.57 26.27
N TYR F 8 -48.65 12.64 25.01
CA TYR F 8 -47.75 12.67 23.86
C TYR F 8 -46.85 13.91 23.85
N MET F 9 -47.41 15.06 24.22
CA MET F 9 -46.67 16.32 24.24
C MET F 9 -45.78 16.45 25.48
N GLN F 10 -45.87 15.49 26.39
CA GLN F 10 -45.00 15.44 27.56
C GLN F 10 -43.68 14.72 27.24
N ILE F 11 -43.78 13.61 26.51
CA ILE F 11 -42.61 12.87 26.05
C ILE F 11 -41.79 13.66 25.03
N ILE F 12 -42.49 14.47 24.22
CA ILE F 12 -41.85 15.36 23.26
C ILE F 12 -41.02 16.44 23.98
N ASP F 13 -41.66 17.14 24.92
CA ASP F 13 -41.00 18.21 25.69
C ASP F 13 -39.91 17.69 26.61
N ALA F 14 -40.10 16.49 27.14
CA ALA F 14 -39.08 15.83 27.97
C ALA F 14 -37.90 15.37 27.12
N ALA F 15 -38.18 14.96 25.88
CA ALA F 15 -37.15 14.53 24.94
C ALA F 15 -36.27 15.70 24.50
N VAL F 16 -36.87 16.88 24.36
CA VAL F 16 -36.13 18.10 24.05
C VAL F 16 -35.14 18.40 25.17
N GLU F 17 -35.63 18.36 26.41
CA GLU F 17 -34.82 18.65 27.60
C GLU F 17 -33.68 17.65 27.79
N VAL F 18 -33.95 16.38 27.54
CA VAL F 18 -32.97 15.31 27.73
C VAL F 18 -31.97 15.18 26.57
N ILE F 19 -32.49 15.21 25.34
CA ILE F 19 -31.66 15.05 24.14
C ILE F 19 -30.66 16.18 23.93
N ALA F 20 -30.85 17.28 24.65
CA ALA F 20 -29.95 18.44 24.58
C ALA F 20 -28.91 18.41 25.70
N GLU F 21 -29.34 18.01 26.90
CA GLU F 21 -28.47 17.99 28.07
C GLU F 21 -27.39 16.89 28.02
N ASN F 22 -27.69 15.80 27.31
CA ASN F 22 -26.79 14.64 27.24
C ASN F 22 -26.37 14.24 25.83
N GLY F 23 -27.12 14.71 24.83
CA GLY F 23 -26.88 14.34 23.43
C GLY F 23 -27.95 13.43 22.90
N TYR F 24 -27.78 12.97 21.66
CA TYR F 24 -28.71 12.03 21.02
C TYR F 24 -28.21 10.60 21.10
N HIS F 25 -26.94 10.40 20.75
CA HIS F 25 -26.31 9.07 20.76
C HIS F 25 -26.06 8.58 22.18
N GLN F 26 -25.81 9.51 23.10
CA GLN F 26 -25.44 9.19 24.48
C GLN F 26 -26.65 9.10 25.41
N SER F 27 -27.80 9.57 24.94
CA SER F 27 -29.02 9.57 25.74
C SER F 27 -29.80 8.26 25.63
N GLN F 28 -30.11 7.68 26.79
CA GLN F 28 -30.89 6.45 26.86
C GLN F 28 -32.38 6.74 26.71
N VAL F 29 -33.13 5.74 26.23
CA VAL F 29 -34.58 5.87 26.04
C VAL F 29 -35.29 5.92 27.40
N SER F 30 -34.73 5.22 28.39
CA SER F 30 -35.26 5.20 29.75
C SER F 30 -35.07 6.53 30.48
N LYS F 31 -33.98 7.23 30.16
CA LYS F 31 -33.71 8.55 30.74
C LYS F 31 -34.72 9.59 30.27
N ILE F 32 -35.23 9.40 29.05
CA ILE F 32 -36.29 10.25 28.50
C ILE F 32 -37.62 9.92 29.18
N ALA F 33 -37.84 8.64 29.44
CA ALA F 33 -39.04 8.15 30.13
C ALA F 33 -39.12 8.66 31.57
N LYS F 34 -37.98 8.64 32.27
CA LYS F 34 -37.90 9.08 33.66
C LYS F 34 -37.99 10.59 33.82
N GLN F 35 -37.74 11.32 32.75
CA GLN F 35 -37.82 12.79 32.75
C GLN F 35 -39.24 13.29 32.95
N ALA F 36 -40.14 12.82 32.09
CA ALA F 36 -41.56 13.18 32.19
C ALA F 36 -42.23 12.47 33.37
N GLY F 37 -41.88 11.20 33.57
CA GLY F 37 -42.44 10.39 34.66
C GLY F 37 -43.36 9.30 34.15
N VAL F 38 -43.09 8.82 32.95
CA VAL F 38 -43.89 7.76 32.33
C VAL F 38 -43.04 6.48 32.20
N ALA F 39 -43.71 5.34 32.10
CA ALA F 39 -43.04 4.04 32.01
C ALA F 39 -42.27 3.83 30.71
N ASP F 40 -41.29 2.92 30.75
CA ASP F 40 -40.46 2.58 29.58
C ASP F 40 -41.26 2.07 28.39
N GLY F 41 -42.25 1.22 28.65
CA GLY F 41 -43.11 0.66 27.61
C GLY F 41 -43.96 1.70 26.91
N THR F 42 -44.33 2.74 27.66
CA THR F 42 -45.18 3.82 27.14
C THR F 42 -44.48 4.65 26.07
N ILE F 43 -43.15 4.63 26.08
CA ILE F 43 -42.36 5.33 25.06
C ILE F 43 -42.48 4.61 23.72
N TYR F 44 -42.42 3.29 23.76
CA TYR F 44 -42.61 2.47 22.55
C TYR F 44 -44.07 2.38 22.11
N LEU F 45 -44.98 2.84 22.98
CA LEU F 45 -46.39 2.97 22.62
C LEU F 45 -46.63 4.14 21.68
N TYR F 46 -45.78 5.16 21.78
CA TYR F 46 -45.92 6.36 20.94
C TYR F 46 -44.90 6.46 19.81
N PHE F 47 -43.76 5.78 19.97
CA PHE F 47 -42.68 5.87 18.98
C PHE F 47 -42.10 4.51 18.61
N LYS F 48 -41.75 4.37 17.32
CA LYS F 48 -41.19 3.12 16.79
C LYS F 48 -39.83 2.82 17.40
N ASN F 49 -38.96 3.84 17.40
CA ASN F 49 -37.62 3.74 17.98
C ASN F 49 -37.09 5.11 18.42
N LYS F 50 -35.86 5.14 18.91
CA LYS F 50 -35.20 6.38 19.34
C LYS F 50 -35.10 7.37 18.18
N GLU F 51 -34.82 6.84 16.99
CA GLU F 51 -34.74 7.63 15.76
C GLU F 51 -36.07 8.34 15.47
N ASP F 52 -37.18 7.65 15.72
CA ASP F 52 -38.52 8.18 15.48
C ASP F 52 -38.85 9.34 16.43
N ILE F 53 -38.29 9.30 17.64
CA ILE F 53 -38.48 10.37 18.62
C ILE F 53 -37.87 11.68 18.12
N LEU F 54 -36.66 11.58 17.56
CA LEU F 54 -35.93 12.75 17.05
C LEU F 54 -36.61 13.37 15.83
N ILE F 55 -37.15 12.52 14.96
CA ILE F 55 -37.87 12.98 13.76
C ILE F 55 -39.19 13.66 14.15
N SER F 56 -39.96 13.01 15.03
CA SER F 56 -41.23 13.55 15.52
C SER F 56 -41.05 14.80 16.37
N LEU F 57 -39.93 14.86 17.10
CA LEU F 57 -39.54 16.04 17.87
C LEU F 57 -39.41 17.24 16.94
N PHE F 58 -38.69 17.03 15.84
CA PHE F 58 -38.47 18.07 14.83
C PHE F 58 -39.74 18.38 14.05
N LYS F 59 -40.52 17.36 13.73
CA LYS F 59 -41.76 17.52 12.98
C LYS F 59 -42.77 18.36 13.74
N GLU F 60 -42.91 18.09 15.04
CA GLU F 60 -43.91 18.76 15.88
C GLU F 60 -43.63 20.25 16.09
N LYS F 61 -42.37 20.59 16.37
CA LYS F 61 -41.98 21.98 16.64
C LYS F 61 -41.91 22.82 15.36
N MET F 62 -41.55 22.19 14.25
CA MET F 62 -41.60 22.84 12.94
C MET F 62 -43.05 23.05 12.50
N GLY F 63 -43.91 22.08 12.82
CA GLY F 63 -45.34 22.19 12.56
C GLY F 63 -45.95 23.38 13.27
N GLN F 64 -45.57 23.58 14.53
CA GLN F 64 -46.00 24.73 15.32
C GLN F 64 -45.45 26.03 14.74
N PHE F 65 -44.17 26.01 14.37
CA PHE F 65 -43.49 27.18 13.83
C PHE F 65 -44.10 27.65 12.50
N ILE F 66 -44.33 26.71 11.59
CA ILE F 66 -44.94 27.02 10.28
C ILE F 66 -46.38 27.51 10.40
N GLU F 67 -47.14 26.93 11.34
CA GLU F 67 -48.52 27.34 11.58
C GLU F 67 -48.59 28.83 11.96
N ARG F 68 -47.70 29.26 12.83
CA ARG F 68 -47.62 30.66 13.27
C ARG F 68 -47.06 31.55 12.15
N MET F 69 -46.02 31.07 11.47
CA MET F 69 -45.33 31.84 10.43
C MET F 69 -46.20 32.19 9.24
N GLU F 70 -46.88 31.18 8.69
CA GLU F 70 -47.72 31.36 7.50
C GLU F 70 -48.85 32.36 7.76
N GLU F 71 -49.45 32.28 8.96
CA GLU F 71 -50.52 33.18 9.37
C GLU F 71 -50.01 34.55 9.77
N ASP F 72 -48.69 34.67 9.94
CA ASP F 72 -48.07 35.96 10.28
C ASP F 72 -47.60 36.73 9.04
N ILE F 73 -47.01 36.01 8.07
CA ILE F 73 -46.46 36.64 6.86
C ILE F 73 -47.54 37.12 5.88
N LYS F 74 -48.76 36.61 6.03
CA LYS F 74 -49.88 37.03 5.20
C LYS F 74 -50.27 38.48 5.45
N GLU F 75 -49.91 38.99 6.64
CA GLU F 75 -50.21 40.36 7.04
C GLU F 75 -49.21 41.37 6.50
N LYS F 76 -48.00 40.92 6.21
CA LYS F 76 -46.95 41.78 5.67
C LYS F 76 -47.15 42.01 4.17
N ALA F 77 -47.02 43.27 3.75
CA ALA F 77 -47.33 43.69 2.39
C ALA F 77 -46.19 43.45 1.39
N THR F 78 -44.95 43.57 1.85
CA THR F 78 -43.78 43.44 0.98
C THR F 78 -42.95 42.20 1.32
N ALA F 79 -42.18 41.72 0.34
CA ALA F 79 -41.31 40.57 0.50
C ALA F 79 -40.25 40.80 1.58
N LYS F 80 -39.72 42.02 1.64
CA LYS F 80 -38.75 42.41 2.66
C LYS F 80 -39.32 42.31 4.07
N GLU F 81 -40.57 42.73 4.22
CA GLU F 81 -41.27 42.65 5.50
C GLU F 81 -41.57 41.21 5.90
N LYS F 82 -41.90 40.39 4.91
CA LYS F 82 -42.15 38.97 5.12
C LYS F 82 -40.87 38.27 5.56
N LEU F 83 -39.76 38.62 4.90
CA LEU F 83 -38.45 38.05 5.21
C LEU F 83 -37.94 38.49 6.58
N ALA F 84 -38.16 39.75 6.93
CA ALA F 84 -37.78 40.29 8.24
C ALA F 84 -38.46 39.49 9.36
N LEU F 85 -39.75 39.22 9.16
CA LEU F 85 -40.54 38.43 10.10
C LEU F 85 -40.03 36.99 10.25
N VAL F 86 -39.66 36.36 9.13
CA VAL F 86 -39.11 35.00 9.14
C VAL F 86 -37.84 34.94 10.00
N ILE F 87 -36.89 35.83 9.71
CA ILE F 87 -35.63 35.90 10.43
C ILE F 87 -35.83 36.15 11.93
N SER F 88 -36.71 37.10 12.25
CA SER F 88 -36.97 37.50 13.63
C SER F 88 -37.56 36.36 14.46
N LYS F 89 -38.60 35.71 13.93
CA LYS F 89 -39.27 34.60 14.60
C LYS F 89 -38.40 33.35 14.64
N HIS F 90 -37.55 33.17 13.64
CA HIS F 90 -36.57 32.08 13.61
C HIS F 90 -35.60 32.25 14.79
N PHE F 91 -35.06 33.47 14.94
CA PHE F 91 -34.16 33.79 16.03
C PHE F 91 -34.87 33.70 17.39
N SER F 92 -36.09 34.24 17.45
CA SER F 92 -36.86 34.32 18.70
C SER F 92 -37.17 32.98 19.35
N LEU F 93 -37.54 32.00 18.53
CA LEU F 93 -37.89 30.66 19.02
C LEU F 93 -36.66 29.95 19.60
N LEU F 94 -35.53 30.10 18.91
CA LEU F 94 -34.29 29.42 19.31
C LEU F 94 -33.61 30.11 20.48
N ALA F 95 -33.73 31.45 20.54
CA ALA F 95 -33.24 32.22 21.68
C ALA F 95 -34.15 32.07 22.89
N GLY F 96 -35.42 31.76 22.63
CA GLY F 96 -36.41 31.56 23.68
C GLY F 96 -36.15 30.33 24.53
N ASP F 97 -35.57 29.30 23.91
CA ASP F 97 -35.23 28.07 24.61
C ASP F 97 -33.85 27.55 24.19
N HIS F 98 -32.90 27.65 25.12
CA HIS F 98 -31.54 27.13 24.99
C HIS F 98 -31.52 25.72 24.36
N ASN F 99 -32.33 24.83 24.93
CA ASN F 99 -32.43 23.42 24.49
C ASN F 99 -32.77 23.25 23.01
N LEU F 100 -33.76 24.01 22.54
CA LEU F 100 -34.18 23.99 21.13
C LEU F 100 -33.03 24.30 20.18
N ALA F 101 -32.26 25.35 20.51
CA ALA F 101 -31.13 25.80 19.69
C ALA F 101 -30.03 24.73 19.55
N ILE F 102 -29.70 24.06 20.66
CA ILE F 102 -28.72 22.97 20.64
C ILE F 102 -29.20 21.84 19.73
N VAL F 103 -30.46 21.45 19.88
CA VAL F 103 -31.06 20.40 19.05
C VAL F 103 -31.01 20.76 17.56
N THR F 104 -31.42 21.98 17.22
CA THR F 104 -31.46 22.42 15.82
C THR F 104 -30.08 22.60 15.17
N GLN F 105 -29.12 23.13 15.94
CA GLN F 105 -27.79 23.44 15.39
C GLN F 105 -26.77 22.32 15.54
N LEU F 106 -26.98 21.42 16.50
CA LEU F 106 -26.02 20.35 16.77
C LEU F 106 -26.59 18.93 16.72
N GLU F 107 -27.64 18.69 17.51
CA GLU F 107 -28.20 17.34 17.66
C GLU F 107 -28.85 16.79 16.39
N LEU F 108 -29.57 17.65 15.66
CA LEU F 108 -30.25 17.26 14.43
C LEU F 108 -29.32 17.19 13.21
N ARG F 109 -28.02 17.42 13.45
CA ARG F 109 -27.01 17.36 12.39
C ARG F 109 -26.41 15.96 12.34
N GLN F 110 -27.23 15.00 11.93
CA GLN F 110 -26.83 13.60 11.88
C GLN F 110 -26.18 13.25 10.55
N SER F 111 -25.00 12.62 10.63
CA SER F 111 -24.22 12.24 9.46
C SER F 111 -24.87 11.11 8.65
N ASN F 112 -25.66 10.27 9.32
CA ASN F 112 -26.39 9.19 8.67
C ASN F 112 -27.34 9.72 7.60
N LEU F 113 -27.23 9.16 6.40
CA LEU F 113 -27.89 9.70 5.21
C LEU F 113 -29.41 9.56 5.19
N GLU F 114 -29.90 8.32 5.37
CA GLU F 114 -31.33 8.02 5.32
C GLU F 114 -32.13 8.77 6.40
N LEU F 115 -31.51 8.96 7.57
CA LEU F 115 -32.11 9.73 8.66
C LEU F 115 -32.16 11.22 8.32
N ARG F 116 -31.08 11.73 7.73
CA ARG F 116 -30.99 13.14 7.34
C ARG F 116 -32.06 13.52 6.31
N GLN F 117 -32.33 12.61 5.37
CA GLN F 117 -33.38 12.80 4.36
C GLN F 117 -34.77 12.96 4.98
N LYS F 118 -35.01 12.22 6.06
CA LYS F 118 -36.28 12.29 6.79
C LYS F 118 -36.37 13.59 7.60
N ILE F 119 -35.23 14.04 8.10
CA ILE F 119 -35.13 15.34 8.77
C ILE F 119 -35.31 16.47 7.76
N ASN F 120 -34.67 16.34 6.60
CA ASN F 120 -34.71 17.36 5.55
C ASN F 120 -36.05 17.49 4.85
N GLU F 121 -36.85 16.43 4.87
CA GLU F 121 -38.21 16.45 4.35
C GLU F 121 -39.05 17.46 5.14
N ILE F 122 -38.90 17.42 6.47
CA ILE F 122 -39.56 18.35 7.37
C ILE F 122 -39.06 19.78 7.16
N LEU F 123 -37.76 19.91 6.90
CA LEU F 123 -37.14 21.21 6.62
C LEU F 123 -37.69 21.89 5.36
N LYS F 124 -38.13 21.07 4.39
CA LYS F 124 -38.68 21.58 3.14
C LYS F 124 -39.89 22.50 3.38
N GLY F 125 -40.68 22.18 4.40
CA GLY F 125 -41.82 23.00 4.82
C GLY F 125 -41.42 24.41 5.23
N TYR F 126 -40.26 24.54 5.85
CA TYR F 126 -39.69 25.85 6.20
C TYR F 126 -39.17 26.56 4.96
N LEU F 127 -38.44 25.83 4.12
CA LEU F 127 -37.81 26.39 2.93
C LEU F 127 -38.81 26.81 1.85
N ASN F 128 -39.97 26.14 1.81
CA ASN F 128 -41.05 26.49 0.89
C ASN F 128 -41.62 27.87 1.17
N ILE F 129 -41.64 28.27 2.45
CA ILE F 129 -42.06 29.62 2.84
C ILE F 129 -41.11 30.65 2.23
N LEU F 130 -39.82 30.37 2.29
CA LEU F 130 -38.80 31.23 1.67
C LEU F 130 -38.97 31.29 0.15
N ASP F 131 -39.30 30.15 -0.46
CA ASP F 131 -39.58 30.09 -1.89
C ASP F 131 -40.76 30.98 -2.29
N GLY F 132 -41.84 30.88 -1.52
CA GLY F 132 -43.05 31.68 -1.74
C GLY F 132 -42.81 33.18 -1.66
N ILE F 133 -42.01 33.59 -0.69
CA ILE F 133 -41.65 35.00 -0.50
C ILE F 133 -40.86 35.54 -1.70
N LEU F 134 -39.89 34.77 -2.17
CA LEU F 134 -39.03 35.18 -3.28
C LEU F 134 -39.77 35.24 -4.62
N THR F 135 -40.68 34.30 -4.85
CA THR F 135 -41.42 34.22 -6.11
C THR F 135 -42.49 35.31 -6.24
N GLU F 136 -43.19 35.61 -5.14
CA GLU F 136 -44.14 36.71 -5.08
C GLU F 136 -43.43 38.05 -5.33
N GLY F 137 -42.22 38.17 -4.77
CA GLY F 137 -41.42 39.39 -4.89
C GLY F 137 -40.92 39.65 -6.30
N ILE F 138 -40.55 38.58 -6.99
CA ILE F 138 -40.14 38.66 -8.40
C ILE F 138 -41.31 39.14 -9.26
N GLN F 139 -42.47 38.52 -9.06
CA GLN F 139 -43.71 38.87 -9.78
C GLN F 139 -44.14 40.32 -9.54
N SER F 140 -43.96 40.80 -8.32
CA SER F 140 -44.33 42.16 -7.95
C SER F 140 -43.34 43.20 -8.48
N GLY F 141 -42.09 42.78 -8.64
CA GLY F 141 -41.02 43.68 -9.08
C GLY F 141 -40.11 44.15 -7.96
N GLU F 142 -40.40 43.70 -6.74
CA GLU F 142 -39.60 44.05 -5.56
C GLU F 142 -38.28 43.28 -5.54
N ILE F 143 -38.34 41.99 -5.88
CA ILE F 143 -37.15 41.15 -5.93
C ILE F 143 -36.55 41.16 -7.33
N LYS F 144 -35.22 41.22 -7.38
CA LYS F 144 -34.44 41.27 -8.62
C LYS F 144 -34.98 40.34 -9.71
N GLU F 145 -35.17 40.88 -10.91
CA GLU F 145 -35.65 40.11 -12.06
C GLU F 145 -34.56 39.14 -12.53
N GLY F 146 -34.98 37.91 -12.83
CA GLY F 146 -34.07 36.87 -13.30
C GLY F 146 -33.20 36.28 -12.20
N LEU F 147 -33.71 36.31 -10.98
CA LEU F 147 -32.97 35.80 -9.82
C LEU F 147 -33.28 34.31 -9.60
N ASP F 148 -32.24 33.55 -9.28
CA ASP F 148 -32.38 32.11 -9.01
C ASP F 148 -33.02 31.90 -7.64
N VAL F 149 -34.26 31.41 -7.65
CA VAL F 149 -35.05 31.21 -6.42
C VAL F 149 -34.41 30.17 -5.49
N ARG F 150 -33.83 29.13 -6.08
CA ARG F 150 -33.16 28.07 -5.32
C ARG F 150 -31.90 28.53 -4.59
N LEU F 151 -31.02 29.21 -5.32
CA LEU F 151 -29.77 29.71 -4.75
C LEU F 151 -29.99 30.84 -3.74
N ALA F 152 -31.00 31.66 -3.99
CA ALA F 152 -31.39 32.73 -3.06
C ALA F 152 -31.94 32.15 -1.76
N ARG F 153 -32.73 31.09 -1.88
CA ARG F 153 -33.25 30.38 -0.72
C ARG F 153 -32.13 29.74 0.10
N GLN F 154 -31.14 29.17 -0.60
CA GLN F 154 -29.96 28.59 0.04
C GLN F 154 -29.09 29.66 0.70
N MET F 155 -29.02 30.85 0.09
CA MET F 155 -28.33 31.99 0.71
C MET F 155 -29.04 32.42 1.99
N ILE F 156 -30.35 32.63 1.90
CA ILE F 156 -31.17 33.07 3.03
C ILE F 156 -31.07 32.09 4.22
N PHE F 157 -31.40 30.82 3.97
CA PHE F 157 -31.35 29.81 5.03
C PHE F 157 -29.94 29.61 5.58
N GLY F 158 -28.96 29.49 4.67
CA GLY F 158 -27.56 29.34 5.05
C GLY F 158 -27.07 30.44 5.97
N THR F 159 -27.44 31.68 5.63
CA THR F 159 -27.08 32.87 6.42
C THR F 159 -27.74 32.86 7.80
N ILE F 160 -29.05 32.64 7.86
CA ILE F 160 -29.77 32.54 9.13
C ILE F 160 -29.17 31.43 10.01
N ASP F 161 -28.98 30.26 9.40
CA ASP F 161 -28.51 29.07 10.11
C ASP F 161 -27.09 29.23 10.68
N GLU F 162 -26.19 29.82 9.89
CA GLU F 162 -24.82 30.04 10.32
C GLU F 162 -24.74 31.08 11.44
N THR F 163 -25.61 32.08 11.39
CA THR F 163 -25.71 33.09 12.45
C THR F 163 -26.12 32.45 13.77
N VAL F 164 -27.09 31.54 13.72
CA VAL F 164 -27.57 30.81 14.89
C VAL F 164 -26.48 29.89 15.45
N THR F 165 -25.82 29.15 14.57
CA THR F 165 -24.75 28.22 14.98
C THR F 165 -23.60 28.93 15.69
N THR F 166 -23.16 30.06 15.13
CA THR F 166 -22.09 30.88 15.72
C THR F 166 -22.48 31.34 17.12
N TRP F 167 -23.72 31.80 17.23
CA TRP F 167 -24.33 32.21 18.49
C TRP F 167 -24.35 31.07 19.52
N VAL F 168 -24.71 29.87 19.08
CA VAL F 168 -24.65 28.66 19.92
C VAL F 168 -23.21 28.36 20.36
N MET F 169 -22.28 28.40 19.41
CA MET F 169 -20.87 28.09 19.69
C MET F 169 -20.20 29.12 20.61
N ASN F 170 -20.78 30.31 20.66
CA ASN F 170 -20.34 31.34 21.60
C ASN F 170 -21.20 31.38 22.87
N ASP F 171 -21.82 30.23 23.17
CA ASP F 171 -22.63 30.03 24.38
C ASP F 171 -23.73 31.07 24.59
N GLN F 172 -24.27 31.57 23.48
CA GLN F 172 -25.44 32.46 23.48
C GLN F 172 -25.26 33.72 24.34
N LYS F 173 -24.03 34.23 24.44
CA LYS F 173 -23.76 35.36 25.33
C LYS F 173 -24.08 36.74 24.74
N TYR F 174 -24.33 36.79 23.44
CA TYR F 174 -24.86 38.01 22.82
C TYR F 174 -26.30 37.81 22.34
N ASP F 175 -26.99 38.90 22.07
CA ASP F 175 -28.41 38.86 21.72
C ASP F 175 -28.63 38.48 20.25
N LEU F 176 -29.17 37.29 20.03
CA LEU F 176 -29.41 36.76 18.69
C LEU F 176 -30.52 37.52 17.96
N VAL F 177 -31.66 37.67 18.64
CA VAL F 177 -32.84 38.36 18.09
C VAL F 177 -32.51 39.79 17.62
N ALA F 178 -31.63 40.47 18.36
CA ALA F 178 -31.21 41.84 18.05
C ALA F 178 -30.52 41.97 16.68
N LEU F 179 -30.00 40.85 16.17
CA LEU F 179 -29.27 40.83 14.90
C LEU F 179 -30.18 40.69 13.68
N SER F 180 -31.49 40.48 13.92
CA SER F 180 -32.47 40.21 12.86
C SER F 180 -32.41 41.21 11.71
N ASN F 181 -32.53 42.50 12.03
CA ASN F 181 -32.54 43.57 11.04
C ASN F 181 -31.25 43.66 10.24
N SER F 182 -30.12 43.46 10.92
CA SER F 182 -28.81 43.47 10.26
C SER F 182 -28.69 42.34 9.24
N VAL F 183 -29.11 41.13 9.63
CA VAL F 183 -29.10 39.98 8.74
C VAL F 183 -30.01 40.23 7.54
N LEU F 184 -31.21 40.74 7.79
CA LEU F 184 -32.15 41.12 6.73
C LEU F 184 -31.52 42.06 5.71
N GLU F 185 -30.92 43.15 6.21
CA GLU F 185 -30.29 44.16 5.35
C GLU F 185 -29.15 43.60 4.50
N LEU F 186 -28.37 42.71 5.10
CA LEU F 186 -27.29 42.02 4.38
C LEU F 186 -27.82 41.16 3.23
N LEU F 187 -28.93 40.46 3.47
CA LEU F 187 -29.53 39.59 2.47
C LEU F 187 -30.24 40.37 1.37
N VAL F 188 -30.80 41.52 1.75
CA VAL F 188 -31.52 42.40 0.82
C VAL F 188 -30.58 43.16 -0.12
N SER F 189 -29.52 43.74 0.43
CA SER F 189 -28.66 44.66 -0.34
C SER F 189 -27.21 44.17 -0.58
N GLY F 190 -26.83 43.06 0.03
CA GLY F 190 -25.50 42.50 -0.16
C GLY F 190 -24.41 43.21 0.61
N ILE F 191 -23.16 42.93 0.26
CA ILE F 191 -22.01 43.51 0.97
C ILE F 191 -21.39 44.73 0.27
N HIS F 192 -21.69 44.91 -1.01
CA HIS F 192 -21.23 46.08 -1.76
C HIS F 192 -22.03 47.33 -1.44
#